data_1NMW
#
_entry.id   1NMW
#
loop_
_entity.id
_entity.type
_entity.pdbx_description
1 polymer 'Peptidyl-prolyl cis-trans isomerase NIMA-interacting 1'
2 non-polymer 'SULFATE ION'
#
_entity_poly.entity_id   1
_entity_poly.type   'polypeptide(L)'
_entity_poly.pdbx_seq_one_letter_code
;GEPARVRCSHLLVKHSQSRRPSSWRQEKITRTKEEALELINGYIQKIKSGEEDFESLASQFSDCSSAKARGDLGAFSRGQ
MQKPFEDASFALRTGEMSGPVFTDSGIHIILRTE
;
_entity_poly.pdbx_strand_id   A
#
loop_
_chem_comp.id
_chem_comp.type
_chem_comp.name
_chem_comp.formula
SO4 non-polymer 'SULFATE ION' 'O4 S -2'
#
# COMPACT_ATOMS: atom_id res chain seq x y z
N GLY A 1 -13.78 14.74 9.61
CA GLY A 1 -14.80 13.67 9.55
C GLY A 1 -14.20 12.29 9.44
N GLU A 2 -14.73 11.35 10.21
CA GLU A 2 -14.24 9.97 10.20
C GLU A 2 -15.38 8.97 10.39
N PRO A 3 -15.97 8.47 9.30
CA PRO A 3 -17.07 7.51 9.37
C PRO A 3 -16.62 6.15 9.92
N ALA A 4 -17.54 5.19 9.91
CA ALA A 4 -17.24 3.85 10.41
C ALA A 4 -16.58 2.98 9.35
N ARG A 5 -16.62 3.44 8.09
CA ARG A 5 -16.03 2.68 6.99
C ARG A 5 -15.71 3.60 5.82
N VAL A 6 -14.63 3.29 5.10
CA VAL A 6 -14.22 4.09 3.94
C VAL A 6 -13.46 3.24 2.92
N ARG A 7 -13.33 3.76 1.71
CA ARG A 7 -12.62 3.06 0.65
C ARG A 7 -11.20 3.60 0.51
N CYS A 8 -10.23 2.69 0.40
CA CYS A 8 -8.83 3.09 0.27
C CYS A 8 -8.02 2.08 -0.53
N SER A 9 -6.95 2.55 -1.14
CA SER A 9 -6.06 1.72 -1.94
C SER A 9 -4.69 1.68 -1.30
N HIS A 10 -3.96 0.57 -1.45
CA HIS A 10 -2.63 0.48 -0.86
C HIS A 10 -1.69 -0.39 -1.70
N LEU A 11 -0.39 -0.17 -1.51
CA LEU A 11 0.64 -0.92 -2.22
C LEU A 11 1.55 -1.62 -1.22
N LEU A 12 1.51 -2.94 -1.19
CA LEU A 12 2.33 -3.70 -0.25
C LEU A 12 3.67 -4.08 -0.89
N VAL A 13 4.75 -3.82 -0.18
CA VAL A 13 6.09 -4.14 -0.65
C VAL A 13 6.93 -4.70 0.50
N LYS A 14 6.81 -6.00 0.73
CA LYS A 14 7.55 -6.65 1.80
C LYS A 14 9.05 -6.49 1.61
N HIS A 15 9.82 -6.82 2.65
CA HIS A 15 11.26 -6.70 2.59
C HIS A 15 11.93 -7.91 3.23
N SER A 16 13.27 -7.95 3.16
CA SER A 16 14.04 -9.05 3.72
C SER A 16 13.88 -9.15 5.23
N GLN A 17 13.65 -8.02 5.88
CA GLN A 17 13.50 -7.99 7.33
C GLN A 17 12.02 -8.08 7.75
N SER A 18 11.15 -8.36 6.78
CA SER A 18 9.73 -8.48 7.07
C SER A 18 9.45 -9.70 7.93
N ARG A 19 8.36 -9.66 8.69
CA ARG A 19 8.00 -10.78 9.56
C ARG A 19 7.84 -12.06 8.74
N ARG A 20 7.47 -11.89 7.47
CA ARG A 20 7.29 -13.02 6.57
C ARG A 20 7.55 -12.60 5.13
N PRO A 21 8.81 -12.69 4.67
CA PRO A 21 9.18 -12.32 3.30
C PRO A 21 8.61 -13.28 2.27
N SER A 22 7.29 -13.34 2.19
CA SER A 22 6.63 -14.22 1.23
C SER A 22 5.14 -13.90 1.14
N SER A 23 4.63 -13.93 -0.08
CA SER A 23 3.22 -13.64 -0.33
C SER A 23 2.73 -14.39 -1.58
N TRP A 24 1.46 -14.21 -1.92
CA TRP A 24 0.89 -14.87 -3.08
C TRP A 24 1.69 -14.54 -4.34
N ARG A 25 2.49 -13.47 -4.28
CA ARG A 25 3.29 -13.05 -5.42
C ARG A 25 4.65 -13.75 -5.43
N GLN A 26 5.24 -13.94 -4.25
CA GLN A 26 6.55 -14.60 -4.15
C GLN A 26 6.68 -15.35 -2.82
N GLU A 27 7.74 -16.14 -2.69
CA GLU A 27 7.97 -16.91 -1.47
C GLU A 27 9.37 -16.69 -0.91
N LYS A 28 10.14 -15.81 -1.54
CA LYS A 28 11.50 -15.53 -1.08
C LYS A 28 11.86 -14.06 -1.28
N ILE A 29 11.37 -13.21 -0.38
CA ILE A 29 11.64 -11.79 -0.45
C ILE A 29 12.92 -11.41 0.29
N THR A 30 13.90 -10.89 -0.45
CA THR A 30 15.17 -10.50 0.14
C THR A 30 15.46 -9.02 -0.16
N ARG A 31 14.40 -8.25 -0.35
CA ARG A 31 14.53 -6.83 -0.64
C ARG A 31 14.58 -6.02 0.66
N THR A 32 15.68 -5.30 0.86
CA THR A 32 15.86 -4.50 2.07
C THR A 32 15.22 -3.12 1.93
N LYS A 33 15.33 -2.32 2.99
CA LYS A 33 14.76 -0.98 3.01
C LYS A 33 15.06 -0.22 1.71
N GLU A 34 16.27 -0.41 1.21
CA GLU A 34 16.68 0.26 -0.03
C GLU A 34 15.76 -0.13 -1.18
N GLU A 35 15.75 -1.42 -1.51
CA GLU A 35 14.91 -1.92 -2.59
C GLU A 35 13.43 -1.72 -2.27
N ALA A 36 13.10 -1.79 -0.99
CA ALA A 36 11.72 -1.64 -0.54
C ALA A 36 11.19 -0.24 -0.87
N LEU A 37 11.71 0.77 -0.17
CA LEU A 37 11.28 2.15 -0.39
C LEU A 37 11.55 2.57 -1.83
N GLU A 38 12.59 2.01 -2.44
CA GLU A 38 12.95 2.33 -3.81
C GLU A 38 11.77 2.06 -4.74
N LEU A 39 11.00 1.01 -4.42
CA LEU A 39 9.84 0.64 -5.22
C LEU A 39 8.67 1.57 -4.93
N ILE A 40 8.35 1.70 -3.64
CA ILE A 40 7.25 2.57 -3.22
C ILE A 40 7.49 4.02 -3.67
N ASN A 41 8.68 4.52 -3.39
CA ASN A 41 9.04 5.89 -3.78
C ASN A 41 8.90 6.08 -5.27
N GLY A 42 9.47 5.17 -6.05
CA GLY A 42 9.37 5.25 -7.50
C GLY A 42 7.93 5.30 -7.96
N TYR A 43 7.08 4.54 -7.28
CA TYR A 43 5.66 4.49 -7.60
C TYR A 43 5.01 5.85 -7.32
N ILE A 44 5.38 6.44 -6.19
CA ILE A 44 4.84 7.74 -5.78
C ILE A 44 5.20 8.82 -6.78
N GLN A 45 6.46 8.84 -7.21
CA GLN A 45 6.94 9.85 -8.16
C GLN A 45 6.12 9.83 -9.45
N LYS A 46 6.08 8.66 -10.11
CA LYS A 46 5.35 8.51 -11.36
C LYS A 46 3.93 9.04 -11.25
N ILE A 47 3.26 8.68 -10.15
CA ILE A 47 1.89 9.12 -9.92
C ILE A 47 1.81 10.64 -9.86
N LYS A 48 2.62 11.22 -8.98
CA LYS A 48 2.65 12.67 -8.83
C LYS A 48 3.12 13.35 -10.10
N SER A 49 3.79 12.59 -10.98
CA SER A 49 4.29 13.12 -12.24
C SER A 49 3.19 13.11 -13.30
N GLY A 50 2.19 12.27 -13.10
CA GLY A 50 1.10 12.18 -14.05
C GLY A 50 1.41 11.18 -15.16
N GLU A 51 2.48 10.42 -14.99
CA GLU A 51 2.88 9.43 -15.99
C GLU A 51 2.24 8.08 -15.70
N GLU A 52 2.22 7.70 -14.42
CA GLU A 52 1.61 6.44 -14.02
C GLU A 52 0.55 6.64 -12.97
N ASP A 53 -0.14 5.57 -12.59
CA ASP A 53 -1.19 5.65 -11.58
C ASP A 53 -1.00 4.59 -10.51
N PHE A 54 -1.15 5.00 -9.26
CA PHE A 54 -1.00 4.09 -8.12
C PHE A 54 -1.78 2.81 -8.35
N GLU A 55 -2.94 2.93 -9.01
CA GLU A 55 -3.77 1.78 -9.30
C GLU A 55 -3.02 0.82 -10.21
N SER A 56 -2.54 1.32 -11.34
CA SER A 56 -1.80 0.50 -12.29
C SER A 56 -0.49 0.04 -11.68
N LEU A 57 0.20 0.95 -10.99
CA LEU A 57 1.47 0.62 -10.36
C LEU A 57 1.28 -0.50 -9.33
N ALA A 58 0.52 -0.19 -8.27
CA ALA A 58 0.24 -1.15 -7.21
C ALA A 58 0.02 -2.54 -7.75
N SER A 59 -0.86 -2.67 -8.72
CA SER A 59 -1.13 -3.97 -9.31
C SER A 59 0.16 -4.67 -9.74
N GLN A 60 0.93 -4.00 -10.60
CA GLN A 60 2.18 -4.56 -11.11
C GLN A 60 3.26 -4.68 -10.03
N PHE A 61 3.00 -4.13 -8.85
CA PHE A 61 3.98 -4.18 -7.78
C PHE A 61 3.34 -4.60 -6.45
N SER A 62 2.06 -4.94 -6.48
CA SER A 62 1.35 -5.35 -5.27
C SER A 62 1.69 -6.78 -4.87
N ASP A 63 2.59 -6.92 -3.89
CA ASP A 63 2.98 -8.25 -3.42
C ASP A 63 1.84 -8.91 -2.65
N CYS A 64 0.84 -8.10 -2.28
CA CYS A 64 -0.30 -8.61 -1.54
C CYS A 64 -1.44 -9.00 -2.48
N SER A 65 -2.47 -9.62 -1.94
CA SER A 65 -3.62 -10.04 -2.74
C SER A 65 -4.38 -8.84 -3.28
N SER A 66 -4.04 -7.65 -2.81
CA SER A 66 -4.70 -6.42 -3.25
C SER A 66 -4.54 -6.26 -4.75
N ALA A 67 -3.44 -6.78 -5.30
CA ALA A 67 -3.18 -6.69 -6.74
C ALA A 67 -4.44 -6.98 -7.56
N LYS A 68 -5.31 -7.81 -7.01
CA LYS A 68 -6.57 -8.16 -7.68
C LYS A 68 -7.32 -6.89 -8.07
N ALA A 69 -7.48 -5.99 -7.10
CA ALA A 69 -8.15 -4.72 -7.35
C ALA A 69 -7.14 -3.60 -7.55
N ARG A 70 -5.92 -3.99 -7.91
CA ARG A 70 -4.84 -3.05 -8.14
C ARG A 70 -4.56 -2.22 -6.88
N GLY A 71 -4.63 -2.87 -5.73
CA GLY A 71 -4.38 -2.18 -4.47
C GLY A 71 -5.66 -1.79 -3.74
N ASP A 72 -6.66 -1.37 -4.50
CA ASP A 72 -7.94 -0.96 -3.91
C ASP A 72 -8.58 -2.12 -3.17
N LEU A 73 -8.70 -1.99 -1.85
CA LEU A 73 -9.31 -3.02 -1.03
C LEU A 73 -10.77 -2.70 -0.74
N GLY A 74 -11.38 -1.88 -1.60
CA GLY A 74 -12.76 -1.52 -1.41
C GLY A 74 -12.99 -0.78 -0.10
N ALA A 75 -14.25 -0.65 0.28
CA ALA A 75 -14.60 0.03 1.52
C ALA A 75 -14.56 -0.92 2.70
N PHE A 76 -13.79 -0.56 3.73
CA PHE A 76 -13.67 -1.38 4.92
C PHE A 76 -14.12 -0.62 6.15
N SER A 77 -14.19 -1.33 7.27
CA SER A 77 -14.62 -0.72 8.53
C SER A 77 -13.52 -0.76 9.57
N ARG A 78 -13.47 0.27 10.41
CA ARG A 78 -12.48 0.37 11.48
C ARG A 78 -12.33 -0.97 12.21
N GLY A 79 -11.09 -1.35 12.50
CA GLY A 79 -10.85 -2.59 13.21
C GLY A 79 -10.60 -3.78 12.29
N GLN A 80 -10.57 -3.52 10.99
CA GLN A 80 -10.33 -4.58 10.01
C GLN A 80 -8.85 -4.68 9.66
N MET A 81 -8.27 -3.57 9.22
CA MET A 81 -6.86 -3.54 8.85
C MET A 81 -5.99 -3.08 10.03
N GLN A 82 -4.68 -3.25 9.90
CA GLN A 82 -3.75 -2.85 10.94
C GLN A 82 -4.05 -1.42 11.42
N LYS A 83 -3.74 -1.15 12.68
CA LYS A 83 -3.99 0.17 13.27
C LYS A 83 -3.42 1.29 12.41
N PRO A 84 -2.11 1.28 12.12
CA PRO A 84 -1.47 2.32 11.31
C PRO A 84 -2.17 2.54 9.98
N PHE A 85 -2.74 1.46 9.43
CA PHE A 85 -3.44 1.55 8.17
C PHE A 85 -4.68 2.43 8.32
N GLU A 86 -5.60 1.97 9.16
CA GLU A 86 -6.84 2.70 9.41
C GLU A 86 -6.57 4.18 9.71
N ASP A 87 -5.64 4.44 10.64
CA ASP A 87 -5.33 5.82 11.01
C ASP A 87 -4.91 6.63 9.77
N ALA A 88 -3.82 6.22 9.13
CA ALA A 88 -3.33 6.92 7.95
C ALA A 88 -4.43 7.05 6.90
N SER A 89 -5.11 5.93 6.64
CA SER A 89 -6.18 5.91 5.65
C SER A 89 -7.30 6.88 6.05
N PHE A 90 -7.79 6.72 7.28
CA PHE A 90 -8.86 7.57 7.81
C PHE A 90 -8.37 8.98 8.10
N ALA A 91 -7.05 9.20 8.00
CA ALA A 91 -6.48 10.51 8.25
C ALA A 91 -6.15 11.25 6.96
N LEU A 92 -6.22 10.54 5.84
CA LEU A 92 -5.92 11.14 4.54
C LEU A 92 -7.17 11.74 3.92
N ARG A 93 -6.98 12.74 3.05
CA ARG A 93 -8.09 13.40 2.38
C ARG A 93 -8.46 12.66 1.10
N THR A 94 -9.50 13.14 0.43
CA THR A 94 -9.95 12.53 -0.81
C THR A 94 -8.86 12.57 -1.88
N GLY A 95 -8.34 11.40 -2.22
CA GLY A 95 -7.29 11.33 -3.22
C GLY A 95 -5.91 11.57 -2.65
N GLU A 96 -5.72 11.24 -1.38
CA GLU A 96 -4.43 11.44 -0.72
C GLU A 96 -3.69 10.11 -0.59
N MET A 97 -2.39 10.19 -0.32
CA MET A 97 -1.56 9.00 -0.17
C MET A 97 -0.74 9.06 1.12
N SER A 98 -0.67 7.93 1.82
CA SER A 98 0.08 7.84 3.06
C SER A 98 1.53 7.43 2.80
N GLY A 99 2.46 8.10 3.47
CA GLY A 99 3.88 7.79 3.29
C GLY A 99 4.18 6.33 3.60
N PRO A 100 5.43 5.88 3.34
CA PRO A 100 5.82 4.50 3.61
C PRO A 100 5.43 4.03 5.01
N VAL A 101 4.56 3.04 5.07
CA VAL A 101 4.08 2.50 6.34
C VAL A 101 4.69 1.13 6.62
N PHE A 102 5.52 1.05 7.64
CA PHE A 102 6.17 -0.19 8.02
C PHE A 102 5.29 -1.03 8.93
N THR A 103 4.84 -2.17 8.43
CA THR A 103 3.99 -3.07 9.19
C THR A 103 4.51 -4.50 9.14
N ASP A 104 3.86 -5.40 9.86
CA ASP A 104 4.25 -6.80 9.91
C ASP A 104 4.64 -7.34 8.53
N SER A 105 3.82 -7.05 7.52
CA SER A 105 4.09 -7.51 6.17
C SER A 105 5.28 -6.79 5.56
N GLY A 106 5.37 -5.48 5.77
CA GLY A 106 6.48 -4.71 5.22
C GLY A 106 6.16 -3.24 5.09
N ILE A 107 6.43 -2.66 3.93
CA ILE A 107 6.16 -1.25 3.70
C ILE A 107 4.92 -1.07 2.83
N HIS A 108 3.91 -0.38 3.38
CA HIS A 108 2.67 -0.16 2.64
C HIS A 108 2.34 1.32 2.49
N ILE A 109 1.79 1.65 1.34
CA ILE A 109 1.37 3.01 1.03
C ILE A 109 -0.12 3.00 0.73
N ILE A 110 -0.90 3.75 1.49
CA ILE A 110 -2.35 3.76 1.30
C ILE A 110 -2.86 5.08 0.74
N LEU A 111 -4.08 5.03 0.19
CA LEU A 111 -4.72 6.21 -0.38
C LEU A 111 -6.22 6.17 -0.10
N ARG A 112 -6.81 7.35 0.09
CA ARG A 112 -8.24 7.45 0.36
C ARG A 112 -9.03 7.59 -0.94
N THR A 113 -9.98 6.70 -1.15
CA THR A 113 -10.80 6.73 -2.36
C THR A 113 -12.14 7.39 -2.09
N GLU A 114 -12.88 6.87 -1.12
CA GLU A 114 -14.18 7.42 -0.76
C GLU A 114 -14.04 8.70 0.06
S SO4 B . 2.35 -11.21 5.75
O1 SO4 B . 1.88 -12.55 6.11
O2 SO4 B . 1.81 -10.22 6.71
O3 SO4 B . 1.89 -10.87 4.38
O4 SO4 B . 3.83 -11.17 5.80
N GLY A 1 -11.20 9.27 12.01
CA GLY A 1 -11.61 10.42 11.16
C GLY A 1 -13.08 10.71 11.23
N GLU A 2 -13.60 11.44 10.22
CA GLU A 2 -15.01 11.77 10.18
C GLU A 2 -15.85 10.59 9.72
N PRO A 3 -15.48 9.96 8.60
CA PRO A 3 -16.22 8.81 8.07
C PRO A 3 -15.85 7.51 8.77
N ALA A 4 -16.84 6.63 8.95
CA ALA A 4 -16.62 5.35 9.61
C ALA A 4 -16.04 4.34 8.64
N ARG A 5 -16.32 4.52 7.34
CA ARG A 5 -15.84 3.62 6.31
C ARG A 5 -15.51 4.39 5.04
N VAL A 6 -14.37 4.09 4.44
CA VAL A 6 -13.95 4.76 3.21
C VAL A 6 -13.29 3.78 2.24
N ARG A 7 -13.07 4.25 1.01
CA ARG A 7 -12.43 3.42 -0.01
C ARG A 7 -10.98 3.82 -0.20
N CYS A 8 -10.06 2.87 -0.03
CA CYS A 8 -8.65 3.16 -0.17
C CYS A 8 -7.91 2.03 -0.88
N SER A 9 -6.84 2.40 -1.56
CA SER A 9 -6.01 1.43 -2.28
C SER A 9 -4.61 1.41 -1.68
N HIS A 10 -3.99 0.24 -1.67
CA HIS A 10 -2.65 0.12 -1.12
C HIS A 10 -1.84 -0.94 -1.85
N LEU A 11 -0.52 -0.78 -1.79
CA LEU A 11 0.39 -1.72 -2.41
C LEU A 11 1.37 -2.25 -1.37
N LEU A 12 1.76 -3.51 -1.50
CA LEU A 12 2.68 -4.11 -0.54
C LEU A 12 4.04 -4.36 -1.18
N VAL A 13 5.08 -4.10 -0.39
CA VAL A 13 6.45 -4.30 -0.84
C VAL A 13 7.28 -4.89 0.31
N LYS A 14 7.29 -6.21 0.42
CA LYS A 14 8.03 -6.88 1.48
C LYS A 14 9.52 -6.67 1.34
N HIS A 15 10.24 -6.92 2.42
CA HIS A 15 11.68 -6.75 2.43
C HIS A 15 12.37 -7.91 3.17
N SER A 16 13.69 -7.83 3.29
CA SER A 16 14.46 -8.87 3.95
C SER A 16 14.29 -8.84 5.47
N GLN A 17 13.91 -7.69 6.01
CA GLN A 17 13.73 -7.56 7.45
C GLN A 17 12.27 -7.78 7.85
N SER A 18 11.44 -8.19 6.90
CA SER A 18 10.03 -8.45 7.18
C SER A 18 9.89 -9.67 8.10
N ARG A 19 8.80 -9.70 8.88
CA ARG A 19 8.56 -10.82 9.77
C ARG A 19 8.31 -12.10 9.00
N ARG A 20 7.82 -11.96 7.77
CA ARG A 20 7.54 -13.10 6.91
C ARG A 20 7.55 -12.67 5.44
N PRO A 21 8.74 -12.62 4.83
CA PRO A 21 8.89 -12.22 3.43
C PRO A 21 8.39 -13.28 2.46
N SER A 22 7.11 -13.17 2.09
CA SER A 22 6.49 -14.11 1.16
C SER A 22 5.24 -13.48 0.54
N SER A 23 4.81 -14.04 -0.59
CA SER A 23 3.63 -13.52 -1.27
C SER A 23 3.10 -14.50 -2.31
N TRP A 24 2.01 -14.11 -2.96
CA TRP A 24 1.39 -14.96 -3.98
C TRP A 24 2.28 -15.07 -5.22
N ARG A 25 3.30 -14.21 -5.30
CA ARG A 25 4.21 -14.22 -6.44
C ARG A 25 5.61 -14.67 -6.03
N GLN A 26 5.84 -14.82 -4.72
CA GLN A 26 7.15 -15.25 -4.23
C GLN A 26 7.00 -16.08 -2.95
N GLU A 27 8.14 -16.42 -2.36
CA GLU A 27 8.14 -17.22 -1.13
C GLU A 27 9.11 -16.62 -0.11
N LYS A 28 10.30 -16.26 -0.56
CA LYS A 28 11.31 -15.68 0.32
C LYS A 28 11.83 -14.37 -0.25
N ILE A 29 11.11 -13.28 0.05
CA ILE A 29 11.51 -11.96 -0.44
C ILE A 29 12.66 -11.40 0.38
N THR A 30 13.58 -10.71 -0.29
CA THR A 30 14.73 -10.12 0.37
C THR A 30 15.00 -8.70 -0.13
N ARG A 31 13.94 -7.95 -0.39
CA ARG A 31 14.07 -6.59 -0.87
C ARG A 31 14.77 -5.72 0.17
N THR A 32 15.98 -5.27 -0.14
CA THR A 32 16.75 -4.44 0.78
C THR A 32 15.97 -3.18 1.15
N LYS A 33 16.46 -2.46 2.16
CA LYS A 33 15.82 -1.24 2.62
C LYS A 33 15.68 -0.23 1.49
N GLU A 34 16.77 -0.01 0.77
CA GLU A 34 16.77 0.94 -0.35
C GLU A 34 15.89 0.44 -1.49
N GLU A 35 16.10 -0.80 -1.89
CA GLU A 35 15.32 -1.40 -2.98
C GLU A 35 13.82 -1.33 -2.70
N ALA A 36 13.42 -1.84 -1.54
CA ALA A 36 12.01 -1.84 -1.16
C ALA A 36 11.44 -0.43 -1.11
N LEU A 37 12.03 0.42 -0.27
CA LEU A 37 11.58 1.80 -0.13
C LEU A 37 11.66 2.54 -1.46
N GLU A 38 12.69 2.26 -2.24
CA GLU A 38 12.87 2.93 -3.54
C GLU A 38 11.65 2.70 -4.42
N LEU A 39 11.00 1.56 -4.24
CA LEU A 39 9.81 1.23 -5.00
C LEU A 39 8.61 2.03 -4.50
N ILE A 40 8.32 1.90 -3.21
CA ILE A 40 7.21 2.61 -2.59
C ILE A 40 7.33 4.12 -2.84
N ASN A 41 8.54 4.65 -2.68
CA ASN A 41 8.78 6.08 -2.89
C ASN A 41 8.51 6.46 -4.35
N GLY A 42 9.19 5.78 -5.27
CA GLY A 42 8.99 6.05 -6.68
C GLY A 42 7.54 6.02 -7.08
N TYR A 43 6.77 5.17 -6.40
CA TYR A 43 5.34 5.05 -6.67
C TYR A 43 4.61 6.31 -6.25
N ILE A 44 5.07 6.90 -5.14
CA ILE A 44 4.48 8.13 -4.62
C ILE A 44 4.61 9.27 -5.64
N GLN A 45 5.80 9.44 -6.20
CA GLN A 45 6.05 10.50 -7.17
C GLN A 45 5.19 10.32 -8.42
N LYS A 46 5.36 9.19 -9.09
CA LYS A 46 4.61 8.89 -10.31
C LYS A 46 3.12 9.20 -10.17
N ILE A 47 2.50 8.60 -9.15
CA ILE A 47 1.08 8.81 -8.90
C ILE A 47 0.79 10.27 -8.57
N LYS A 48 1.53 10.81 -7.62
CA LYS A 48 1.36 12.21 -7.22
C LYS A 48 1.64 13.15 -8.38
N SER A 49 2.36 12.66 -9.38
CA SER A 49 2.70 13.48 -10.55
C SER A 49 1.55 13.45 -11.56
N GLY A 50 0.77 12.37 -11.53
CA GLY A 50 -0.33 12.23 -12.46
C GLY A 50 0.07 11.52 -13.74
N GLU A 51 1.26 10.92 -13.71
CA GLU A 51 1.77 10.20 -14.87
C GLU A 51 1.42 8.72 -14.77
N GLU A 52 1.49 8.16 -13.57
CA GLU A 52 1.17 6.75 -13.37
C GLU A 52 -0.01 6.60 -12.41
N ASP A 53 -0.73 5.49 -12.53
CA ASP A 53 -1.90 5.23 -11.70
C ASP A 53 -1.60 4.25 -10.58
N PHE A 54 -2.13 4.54 -9.39
CA PHE A 54 -1.94 3.70 -8.22
C PHE A 54 -2.48 2.30 -8.49
N GLU A 55 -3.65 2.22 -9.10
CA GLU A 55 -4.27 0.94 -9.40
C GLU A 55 -3.32 0.09 -10.24
N SER A 56 -2.85 0.65 -11.35
CA SER A 56 -1.93 -0.06 -12.23
C SER A 56 -0.60 -0.31 -11.53
N LEU A 57 -0.10 0.69 -10.82
CA LEU A 57 1.16 0.55 -10.10
C LEU A 57 1.06 -0.58 -9.07
N ALA A 58 0.21 -0.38 -8.06
CA ALA A 58 0.01 -1.37 -7.01
C ALA A 58 0.03 -2.79 -7.56
N SER A 59 -0.84 -3.06 -8.52
CA SER A 59 -0.91 -4.38 -9.11
C SER A 59 0.48 -4.91 -9.50
N GLN A 60 1.20 -4.14 -10.31
CA GLN A 60 2.53 -4.54 -10.78
C GLN A 60 3.56 -4.58 -9.66
N PHE A 61 3.22 -4.06 -8.50
CA PHE A 61 4.15 -4.07 -7.37
C PHE A 61 3.48 -4.55 -6.09
N SER A 62 2.21 -4.96 -6.19
CA SER A 62 1.47 -5.42 -5.03
C SER A 62 1.86 -6.84 -4.63
N ASP A 63 2.72 -6.97 -3.62
CA ASP A 63 3.13 -8.29 -3.16
C ASP A 63 2.01 -8.92 -2.33
N CYS A 64 1.01 -8.11 -2.00
CA CYS A 64 -0.14 -8.59 -1.22
C CYS A 64 -1.25 -9.05 -2.16
N SER A 65 -2.19 -9.83 -1.62
CA SER A 65 -3.30 -10.34 -2.41
C SER A 65 -4.17 -9.22 -2.98
N SER A 66 -3.79 -7.97 -2.73
CA SER A 66 -4.55 -6.82 -3.23
C SER A 66 -4.56 -6.81 -4.75
N ALA A 67 -3.52 -7.38 -5.36
CA ALA A 67 -3.40 -7.44 -6.81
C ALA A 67 -4.71 -7.80 -7.47
N LYS A 68 -5.55 -8.58 -6.78
CA LYS A 68 -6.85 -8.99 -7.31
C LYS A 68 -7.63 -7.77 -7.79
N ALA A 69 -7.40 -6.64 -7.13
CA ALA A 69 -8.07 -5.40 -7.47
C ALA A 69 -7.06 -4.28 -7.67
N ARG A 70 -5.82 -4.65 -7.98
CA ARG A 70 -4.75 -3.69 -8.21
C ARG A 70 -4.56 -2.79 -6.99
N GLY A 71 -4.51 -3.39 -5.81
CA GLY A 71 -4.33 -2.63 -4.58
C GLY A 71 -5.63 -2.23 -3.93
N ASP A 72 -6.59 -1.80 -4.74
CA ASP A 72 -7.89 -1.38 -4.23
C ASP A 72 -8.52 -2.45 -3.35
N LEU A 73 -8.84 -2.09 -2.12
CA LEU A 73 -9.44 -3.03 -1.17
C LEU A 73 -10.94 -2.78 -1.03
N GLY A 74 -11.43 -1.71 -1.66
CA GLY A 74 -12.84 -1.38 -1.57
C GLY A 74 -13.17 -0.61 -0.31
N ALA A 75 -14.40 -0.14 -0.21
CA ALA A 75 -14.83 0.62 0.96
C ALA A 75 -14.85 -0.27 2.20
N PHE A 76 -14.00 0.05 3.17
CA PHE A 76 -13.93 -0.73 4.41
C PHE A 76 -14.24 0.13 5.62
N SER A 77 -14.25 -0.51 6.78
CA SER A 77 -14.52 0.18 8.04
C SER A 77 -13.32 0.13 8.97
N ARG A 78 -13.03 1.24 9.64
CA ARG A 78 -11.91 1.31 10.56
C ARG A 78 -12.04 0.26 11.66
N GLY A 79 -10.98 -0.53 11.85
CA GLY A 79 -11.00 -1.57 12.86
C GLY A 79 -10.72 -2.95 12.31
N GLN A 80 -10.76 -3.08 10.98
CA GLN A 80 -10.52 -4.36 10.34
C GLN A 80 -9.09 -4.44 9.79
N MET A 81 -8.61 -3.34 9.23
CA MET A 81 -7.26 -3.28 8.68
C MET A 81 -6.25 -2.97 9.77
N GLN A 82 -4.97 -2.91 9.38
CA GLN A 82 -3.90 -2.62 10.32
C GLN A 82 -4.08 -1.24 10.94
N LYS A 83 -3.56 -1.06 12.15
CA LYS A 83 -3.68 0.21 12.85
C LYS A 83 -3.08 1.36 12.02
N PRO A 84 -1.77 1.29 11.70
CA PRO A 84 -1.10 2.33 10.91
C PRO A 84 -1.80 2.55 9.58
N PHE A 85 -2.42 1.50 9.07
CA PHE A 85 -3.14 1.58 7.79
C PHE A 85 -4.32 2.51 7.92
N GLU A 86 -5.25 2.15 8.78
CA GLU A 86 -6.46 2.94 9.01
C GLU A 86 -6.12 4.40 9.32
N ASP A 87 -5.19 4.60 10.26
CA ASP A 87 -4.79 5.95 10.64
C ASP A 87 -4.39 6.77 9.41
N ALA A 88 -3.39 6.28 8.68
CA ALA A 88 -2.93 6.96 7.48
C ALA A 88 -4.07 7.15 6.49
N SER A 89 -4.76 6.06 6.17
CA SER A 89 -5.89 6.11 5.25
C SER A 89 -6.91 7.14 5.70
N PHE A 90 -7.38 6.99 6.94
CA PHE A 90 -8.36 7.90 7.50
C PHE A 90 -7.80 9.30 7.72
N ALA A 91 -6.48 9.40 7.76
CA ALA A 91 -5.81 10.69 7.96
C ALA A 91 -5.58 11.40 6.64
N LEU A 92 -5.64 10.65 5.55
CA LEU A 92 -5.43 11.23 4.22
C LEU A 92 -6.74 11.71 3.62
N ARG A 93 -6.63 12.65 2.66
CA ARG A 93 -7.81 13.20 2.01
C ARG A 93 -8.04 12.52 0.66
N THR A 94 -9.10 12.93 -0.03
CA THR A 94 -9.43 12.36 -1.33
C THR A 94 -8.31 12.61 -2.34
N GLY A 95 -7.64 11.55 -2.75
CA GLY A 95 -6.56 11.68 -3.71
C GLY A 95 -5.21 11.89 -3.03
N GLU A 96 -5.11 11.48 -1.78
CA GLU A 96 -3.87 11.63 -1.01
C GLU A 96 -3.15 10.28 -0.89
N MET A 97 -1.84 10.34 -0.69
CA MET A 97 -1.03 9.13 -0.57
C MET A 97 -0.33 9.06 0.78
N SER A 98 -0.30 7.86 1.37
CA SER A 98 0.34 7.66 2.66
C SER A 98 1.81 7.27 2.48
N GLY A 99 2.66 7.82 3.35
CA GLY A 99 4.08 7.50 3.27
C GLY A 99 4.36 6.04 3.53
N PRO A 100 5.63 5.60 3.42
CA PRO A 100 6.00 4.20 3.65
C PRO A 100 5.52 3.70 5.00
N VAL A 101 4.65 2.69 4.98
CA VAL A 101 4.12 2.12 6.21
C VAL A 101 4.72 0.74 6.49
N PHE A 102 5.54 0.67 7.53
CA PHE A 102 6.19 -0.58 7.89
C PHE A 102 5.33 -1.40 8.85
N THR A 103 4.84 -2.53 8.36
CA THR A 103 4.00 -3.42 9.16
C THR A 103 4.50 -4.85 9.09
N ASP A 104 4.06 -5.68 10.03
CA ASP A 104 4.46 -7.09 10.10
C ASP A 104 4.90 -7.64 8.74
N SER A 105 4.07 -7.44 7.74
CA SER A 105 4.37 -7.91 6.39
C SER A 105 5.58 -7.17 5.83
N GLY A 106 5.47 -5.86 5.70
CA GLY A 106 6.57 -5.07 5.17
C GLY A 106 6.20 -3.61 5.01
N ILE A 107 6.50 -3.05 3.83
CA ILE A 107 6.20 -1.65 3.56
C ILE A 107 4.92 -1.52 2.72
N HIS A 108 4.00 -0.67 3.18
CA HIS A 108 2.74 -0.47 2.46
C HIS A 108 2.45 1.01 2.24
N ILE A 109 1.83 1.29 1.11
CA ILE A 109 1.41 2.64 0.75
C ILE A 109 -0.10 2.66 0.55
N ILE A 110 -0.75 3.75 0.96
CA ILE A 110 -2.20 3.85 0.81
C ILE A 110 -2.62 5.12 0.11
N LEU A 111 -3.70 5.02 -0.67
CA LEU A 111 -4.24 6.16 -1.41
C LEU A 111 -5.75 6.24 -1.20
N ARG A 112 -6.20 7.30 -0.54
CA ARG A 112 -7.63 7.48 -0.27
C ARG A 112 -8.40 7.80 -1.55
N THR A 113 -9.42 7.00 -1.83
CA THR A 113 -10.25 7.20 -3.01
C THR A 113 -11.54 7.92 -2.65
N GLU A 114 -12.40 7.24 -1.90
CA GLU A 114 -13.68 7.81 -1.48
C GLU A 114 -14.55 6.75 -0.81
S SO4 B . 2.67 -12.21 7.24
O1 SO4 B . 1.80 -13.11 6.46
O2 SO4 B . 1.84 -11.18 7.91
O3 SO4 B . 3.65 -11.56 6.35
O4 SO4 B . 3.38 -13.00 8.26
N GLY A 1 -10.76 12.31 9.38
CA GLY A 1 -12.21 12.19 9.68
C GLY A 1 -12.53 10.95 10.48
N GLU A 2 -13.80 10.80 10.84
CA GLU A 2 -14.24 9.63 11.62
C GLU A 2 -15.45 8.98 10.96
N PRO A 3 -15.34 8.64 9.66
CA PRO A 3 -16.43 7.99 8.93
C PRO A 3 -16.59 6.52 9.29
N ALA A 4 -17.81 6.01 9.18
CA ALA A 4 -18.09 4.61 9.49
C ALA A 4 -17.25 3.68 8.62
N ARG A 5 -17.05 4.07 7.37
CA ARG A 5 -16.27 3.27 6.43
C ARG A 5 -15.79 4.13 5.26
N VAL A 6 -14.70 3.72 4.63
CA VAL A 6 -14.14 4.45 3.50
C VAL A 6 -13.48 3.50 2.50
N ARG A 7 -13.20 4.00 1.30
CA ARG A 7 -12.57 3.20 0.27
C ARG A 7 -11.13 3.66 0.04
N CYS A 8 -10.19 2.77 0.29
CA CYS A 8 -8.78 3.09 0.12
C CYS A 8 -8.01 1.97 -0.55
N SER A 9 -6.95 2.34 -1.26
CA SER A 9 -6.11 1.38 -1.95
C SER A 9 -4.69 1.47 -1.38
N HIS A 10 -3.95 0.37 -1.48
CA HIS A 10 -2.59 0.36 -0.95
C HIS A 10 -1.68 -0.60 -1.70
N LEU A 11 -0.38 -0.35 -1.61
CA LEU A 11 0.62 -1.18 -2.27
C LEU A 11 1.57 -1.77 -1.23
N LEU A 12 1.61 -3.09 -1.15
CA LEU A 12 2.48 -3.77 -0.21
C LEU A 12 3.85 -4.04 -0.82
N VAL A 13 4.91 -3.73 -0.07
CA VAL A 13 6.27 -3.95 -0.55
C VAL A 13 7.07 -4.73 0.51
N LYS A 14 6.97 -6.06 0.46
CA LYS A 14 7.68 -6.90 1.41
C LYS A 14 9.18 -6.76 1.25
N HIS A 15 9.92 -7.03 2.32
CA HIS A 15 11.37 -6.93 2.28
C HIS A 15 12.04 -8.09 3.01
N SER A 16 13.35 -8.20 2.85
CA SER A 16 14.13 -9.27 3.47
C SER A 16 13.95 -9.29 4.99
N GLN A 17 13.50 -8.18 5.55
CA GLN A 17 13.29 -8.09 7.00
C GLN A 17 11.86 -8.41 7.39
N SER A 18 11.01 -8.70 6.40
CA SER A 18 9.62 -9.03 6.65
C SER A 18 9.51 -10.37 7.37
N ARG A 19 8.53 -10.49 8.25
CA ARG A 19 8.30 -11.72 8.99
C ARG A 19 7.99 -12.87 8.05
N ARG A 20 7.46 -12.53 6.87
CA ARG A 20 7.13 -13.53 5.87
C ARG A 20 7.19 -12.93 4.47
N PRO A 21 8.39 -12.88 3.87
CA PRO A 21 8.59 -12.32 2.53
C PRO A 21 8.09 -13.25 1.43
N SER A 22 6.77 -13.41 1.36
CA SER A 22 6.16 -14.27 0.36
C SER A 22 5.00 -13.57 -0.32
N SER A 23 4.69 -13.98 -1.55
CA SER A 23 3.59 -13.38 -2.31
C SER A 23 3.28 -14.19 -3.55
N TRP A 24 2.30 -13.74 -4.31
CA TRP A 24 1.89 -14.41 -5.54
C TRP A 24 3.00 -14.35 -6.58
N ARG A 25 3.92 -13.42 -6.43
CA ARG A 25 5.03 -13.26 -7.37
C ARG A 25 6.16 -14.23 -7.03
N GLN A 26 6.23 -14.63 -5.77
CA GLN A 26 7.25 -15.56 -5.31
C GLN A 26 7.09 -15.88 -3.83
N GLU A 27 7.88 -16.82 -3.34
CA GLU A 27 7.81 -17.22 -1.93
C GLU A 27 9.07 -16.80 -1.18
N LYS A 28 9.95 -16.04 -1.83
CA LYS A 28 11.18 -15.58 -1.22
C LYS A 28 11.54 -14.18 -1.70
N ILE A 29 10.95 -13.17 -1.05
CA ILE A 29 11.20 -11.78 -1.41
C ILE A 29 12.43 -11.24 -0.67
N THR A 30 13.53 -11.08 -1.40
CA THR A 30 14.76 -10.58 -0.82
C THR A 30 14.88 -9.06 -1.00
N ARG A 31 13.77 -8.41 -1.36
CA ARG A 31 13.76 -6.97 -1.56
C ARG A 31 14.23 -6.25 -0.29
N THR A 32 15.51 -5.92 -0.24
CA THR A 32 16.07 -5.22 0.92
C THR A 32 15.29 -3.93 1.20
N LYS A 33 15.41 -3.45 2.44
CA LYS A 33 14.71 -2.23 2.84
C LYS A 33 14.92 -1.11 1.82
N GLU A 34 16.12 -1.08 1.24
CA GLU A 34 16.44 -0.07 0.24
C GLU A 34 15.62 -0.28 -1.03
N GLU A 35 15.52 -1.54 -1.46
CA GLU A 35 14.75 -1.87 -2.66
C GLU A 35 13.25 -1.75 -2.39
N ALA A 36 12.85 -1.98 -1.14
CA ALA A 36 11.45 -1.90 -0.75
C ALA A 36 10.95 -0.46 -0.83
N LEU A 37 11.51 0.40 0.01
CA LEU A 37 11.12 1.81 0.04
C LEU A 37 11.38 2.47 -1.31
N GLU A 38 12.42 2.02 -1.99
CA GLU A 38 12.76 2.57 -3.30
C GLU A 38 11.60 2.44 -4.27
N LEU A 39 10.95 1.28 -4.25
CA LEU A 39 9.81 1.03 -5.12
C LEU A 39 8.62 1.91 -4.72
N ILE A 40 8.26 1.85 -3.45
CA ILE A 40 7.15 2.65 -2.93
C ILE A 40 7.40 4.14 -3.15
N ASN A 41 8.65 4.56 -2.98
CA ASN A 41 9.02 5.96 -3.17
C ASN A 41 8.85 6.36 -4.63
N GLY A 42 9.49 5.60 -5.52
CA GLY A 42 9.39 5.89 -6.94
C GLY A 42 7.95 5.95 -7.41
N TYR A 43 7.14 5.02 -6.92
CA TYR A 43 5.73 4.97 -7.28
C TYR A 43 5.06 6.31 -6.94
N ILE A 44 5.41 6.84 -5.76
CA ILE A 44 4.85 8.11 -5.30
C ILE A 44 5.08 9.23 -6.32
N GLN A 45 6.33 9.40 -6.72
CA GLN A 45 6.70 10.45 -7.67
C GLN A 45 5.90 10.35 -8.97
N LYS A 46 6.13 9.27 -9.72
CA LYS A 46 5.45 9.06 -10.98
C LYS A 46 3.93 9.07 -10.83
N ILE A 47 3.44 8.54 -9.72
CA ILE A 47 2.00 8.51 -9.46
C ILE A 47 1.44 9.93 -9.42
N LYS A 48 2.06 10.79 -8.62
CA LYS A 48 1.63 12.17 -8.49
C LYS A 48 1.84 12.93 -9.79
N SER A 49 2.68 12.40 -10.67
CA SER A 49 2.96 13.04 -11.95
C SER A 49 1.86 12.73 -12.95
N GLY A 50 1.23 11.57 -12.79
CA GLY A 50 0.17 11.16 -13.68
C GLY A 50 0.65 10.19 -14.75
N GLU A 51 1.88 9.72 -14.61
CA GLU A 51 2.45 8.77 -15.58
C GLU A 51 2.27 7.34 -15.11
N GLU A 52 2.41 7.11 -13.80
CA GLU A 52 2.25 5.78 -13.24
C GLU A 52 1.09 5.72 -12.27
N ASP A 53 -0.11 5.42 -12.79
CA ASP A 53 -1.31 5.34 -11.96
C ASP A 53 -1.09 4.45 -10.74
N PHE A 54 -1.78 4.77 -9.65
CA PHE A 54 -1.67 4.00 -8.42
C PHE A 54 -2.26 2.61 -8.60
N GLU A 55 -3.52 2.57 -9.02
CA GLU A 55 -4.22 1.31 -9.22
C GLU A 55 -3.41 0.39 -10.15
N SER A 56 -2.98 0.95 -11.28
CA SER A 56 -2.20 0.18 -12.24
C SER A 56 -0.86 -0.21 -11.65
N LEU A 57 -0.21 0.75 -11.00
CA LEU A 57 1.09 0.49 -10.38
C LEU A 57 0.96 -0.59 -9.32
N ALA A 58 0.20 -0.29 -8.26
CA ALA A 58 -0.03 -1.24 -7.16
C ALA A 58 -0.13 -2.66 -7.68
N SER A 59 -0.95 -2.86 -8.69
CA SER A 59 -1.12 -4.19 -9.27
C SER A 59 0.23 -4.80 -9.67
N GLN A 60 0.92 -4.12 -10.57
CA GLN A 60 2.22 -4.60 -11.08
C GLN A 60 3.31 -4.57 -10.01
N PHE A 61 3.03 -4.00 -8.86
CA PHE A 61 4.03 -3.93 -7.81
C PHE A 61 3.47 -4.35 -6.45
N SER A 62 2.22 -4.81 -6.43
CA SER A 62 1.60 -5.23 -5.18
C SER A 62 2.11 -6.60 -4.73
N ASP A 63 2.81 -6.62 -3.60
CA ASP A 63 3.33 -7.87 -3.07
C ASP A 63 2.31 -8.48 -2.11
N CYS A 64 1.04 -8.45 -2.53
CA CYS A 64 -0.05 -8.98 -1.73
C CYS A 64 -1.27 -9.24 -2.61
N SER A 65 -2.31 -9.84 -2.02
CA SER A 65 -3.52 -10.15 -2.76
C SER A 65 -4.21 -8.89 -3.30
N SER A 66 -3.61 -7.72 -3.05
CA SER A 66 -4.18 -6.46 -3.52
C SER A 66 -4.25 -6.46 -5.05
N ALA A 67 -3.29 -7.12 -5.68
CA ALA A 67 -3.23 -7.18 -7.14
C ALA A 67 -4.59 -7.48 -7.75
N LYS A 68 -5.39 -8.29 -7.05
CA LYS A 68 -6.73 -8.64 -7.53
C LYS A 68 -7.51 -7.37 -7.85
N ALA A 69 -7.44 -6.40 -6.94
CA ALA A 69 -8.14 -5.14 -7.12
C ALA A 69 -7.12 -4.01 -7.35
N ARG A 70 -5.99 -4.36 -7.95
CA ARG A 70 -4.92 -3.41 -8.23
C ARG A 70 -4.66 -2.51 -7.03
N GLY A 71 -4.60 -3.12 -5.84
CA GLY A 71 -4.35 -2.36 -4.63
C GLY A 71 -5.62 -1.95 -3.93
N ASP A 72 -6.63 -1.56 -4.69
CA ASP A 72 -7.91 -1.14 -4.14
C ASP A 72 -8.50 -2.23 -3.24
N LEU A 73 -8.89 -1.85 -2.03
CA LEU A 73 -9.47 -2.80 -1.08
C LEU A 73 -10.94 -2.47 -0.82
N GLY A 74 -11.57 -1.79 -1.76
CA GLY A 74 -12.97 -1.42 -1.60
C GLY A 74 -13.23 -0.66 -0.33
N ALA A 75 -14.49 -0.32 -0.09
CA ALA A 75 -14.88 0.42 1.11
C ALA A 75 -14.88 -0.50 2.32
N PHE A 76 -14.05 -0.16 3.31
CA PHE A 76 -13.96 -0.96 4.53
C PHE A 76 -14.34 -0.14 5.76
N SER A 77 -14.30 -0.81 6.91
CA SER A 77 -14.63 -0.16 8.17
C SER A 77 -13.42 -0.18 9.11
N ARG A 78 -13.18 0.95 9.77
CA ARG A 78 -12.06 1.07 10.70
C ARG A 78 -11.98 -0.13 11.64
N GLY A 79 -10.77 -0.62 11.88
CA GLY A 79 -10.58 -1.76 12.75
C GLY A 79 -10.32 -3.06 12.00
N GLN A 80 -10.60 -3.05 10.71
CA GLN A 80 -10.39 -4.24 9.88
C GLN A 80 -8.96 -4.28 9.34
N MET A 81 -8.42 -3.11 9.02
CA MET A 81 -7.06 -3.02 8.49
C MET A 81 -6.06 -2.80 9.62
N GLN A 82 -4.77 -2.86 9.29
CA GLN A 82 -3.72 -2.66 10.27
C GLN A 82 -3.89 -1.32 10.99
N LYS A 83 -3.48 -1.26 12.25
CA LYS A 83 -3.61 -0.04 13.03
C LYS A 83 -3.08 1.16 12.27
N PRO A 84 -1.78 1.18 11.91
CA PRO A 84 -1.19 2.28 11.16
C PRO A 84 -1.92 2.53 9.85
N PHE A 85 -2.54 1.46 9.32
CA PHE A 85 -3.28 1.56 8.07
C PHE A 85 -4.51 2.42 8.26
N GLU A 86 -5.42 1.95 9.11
CA GLU A 86 -6.66 2.66 9.39
C GLU A 86 -6.40 4.12 9.76
N ASP A 87 -5.43 4.34 10.65
CA ASP A 87 -5.09 5.69 11.07
C ASP A 87 -4.71 6.56 9.87
N ALA A 88 -3.67 6.16 9.16
CA ALA A 88 -3.21 6.89 7.99
C ALA A 88 -4.35 7.09 6.99
N SER A 89 -5.08 6.01 6.71
CA SER A 89 -6.21 6.06 5.79
C SER A 89 -7.25 7.05 6.28
N PHE A 90 -7.68 6.87 7.52
CA PHE A 90 -8.69 7.74 8.12
C PHE A 90 -8.14 9.13 8.41
N ALA A 91 -6.82 9.28 8.29
CA ALA A 91 -6.18 10.57 8.53
C ALA A 91 -5.92 11.33 7.23
N LEU A 92 -5.97 10.61 6.11
CA LEU A 92 -5.74 11.22 4.81
C LEU A 92 -7.03 11.74 4.20
N ARG A 93 -6.90 12.66 3.24
CA ARG A 93 -8.05 13.24 2.57
C ARG A 93 -8.30 12.56 1.23
N THR A 94 -9.39 12.92 0.57
CA THR A 94 -9.73 12.35 -0.72
C THR A 94 -8.64 12.60 -1.74
N GLY A 95 -8.01 11.53 -2.21
CA GLY A 95 -6.93 11.67 -3.18
C GLY A 95 -5.55 11.70 -2.54
N GLU A 96 -5.52 11.87 -1.21
CA GLU A 96 -4.26 11.92 -0.49
C GLU A 96 -3.67 10.52 -0.32
N MET A 97 -2.36 10.45 -0.09
CA MET A 97 -1.69 9.18 0.07
C MET A 97 -0.82 9.18 1.33
N SER A 98 -0.77 8.03 2.01
CA SER A 98 0.01 7.90 3.23
C SER A 98 1.47 7.58 2.90
N GLY A 99 2.38 7.98 3.79
CA GLY A 99 3.79 7.73 3.58
C GLY A 99 4.15 6.27 3.83
N PRO A 100 5.42 5.90 3.61
CA PRO A 100 5.89 4.52 3.83
C PRO A 100 5.53 4.00 5.21
N VAL A 101 4.64 3.01 5.26
CA VAL A 101 4.21 2.43 6.52
C VAL A 101 4.80 1.03 6.71
N PHE A 102 5.66 0.88 7.71
CA PHE A 102 6.30 -0.40 7.99
C PHE A 102 5.40 -1.29 8.83
N THR A 103 5.06 -2.45 8.29
CA THR A 103 4.21 -3.42 8.98
C THR A 103 4.80 -4.83 8.87
N ASP A 104 4.20 -5.77 9.58
CA ASP A 104 4.66 -7.17 9.58
C ASP A 104 5.17 -7.60 8.21
N SER A 105 4.35 -7.37 7.19
CA SER A 105 4.71 -7.74 5.83
C SER A 105 5.85 -6.87 5.29
N GLY A 106 5.76 -5.57 5.49
CA GLY A 106 6.80 -4.67 5.01
C GLY A 106 6.32 -3.23 4.92
N ILE A 107 6.65 -2.56 3.81
CA ILE A 107 6.24 -1.17 3.63
C ILE A 107 4.96 -1.09 2.82
N HIS A 108 4.05 -0.21 3.22
CA HIS A 108 2.78 -0.06 2.53
C HIS A 108 2.46 1.40 2.26
N ILE A 109 1.79 1.64 1.13
CA ILE A 109 1.37 2.98 0.76
C ILE A 109 -0.16 3.00 0.65
N ILE A 110 -0.78 3.92 1.37
CA ILE A 110 -2.24 4.02 1.37
C ILE A 110 -2.71 5.23 0.56
N LEU A 111 -3.86 5.06 -0.09
CA LEU A 111 -4.45 6.12 -0.90
C LEU A 111 -5.97 6.17 -0.69
N ARG A 112 -6.44 7.27 -0.14
CA ARG A 112 -7.88 7.45 0.12
C ARG A 112 -8.61 7.86 -1.15
N THR A 113 -9.63 7.09 -1.53
CA THR A 113 -10.42 7.40 -2.71
C THR A 113 -11.71 8.09 -2.34
N GLU A 114 -12.42 7.51 -1.37
CA GLU A 114 -13.69 8.08 -0.92
C GLU A 114 -13.82 7.98 0.60
S SO4 B . 1.77 -11.45 6.76
O1 SO4 B . 0.77 -12.45 6.35
O2 SO4 B . 1.29 -10.73 7.96
O3 SO4 B . 1.99 -10.48 5.66
O4 SO4 B . 3.04 -12.12 7.07
N GLY A 1 -10.76 11.46 13.27
CA GLY A 1 -12.23 11.62 13.51
C GLY A 1 -12.88 10.32 13.94
N GLU A 2 -14.02 10.01 13.35
CA GLU A 2 -14.75 8.78 13.67
C GLU A 2 -15.65 8.35 12.53
N PRO A 3 -15.11 8.26 11.30
CA PRO A 3 -15.88 7.85 10.12
C PRO A 3 -16.22 6.37 10.15
N ALA A 4 -17.30 6.00 9.47
CA ALA A 4 -17.73 4.60 9.43
C ALA A 4 -16.87 3.78 8.48
N ARG A 5 -16.83 4.19 7.22
CA ARG A 5 -16.05 3.47 6.21
C ARG A 5 -15.43 4.44 5.21
N VAL A 6 -14.31 4.04 4.61
CA VAL A 6 -13.62 4.86 3.64
C VAL A 6 -13.07 4.03 2.48
N ARG A 7 -12.72 4.71 1.38
CA ARG A 7 -12.17 4.03 0.21
C ARG A 7 -10.70 4.39 0.02
N CYS A 8 -9.83 3.40 0.09
CA CYS A 8 -8.40 3.63 -0.06
C CYS A 8 -7.70 2.46 -0.73
N SER A 9 -6.61 2.78 -1.42
CA SER A 9 -5.81 1.78 -2.10
C SER A 9 -4.44 1.75 -1.44
N HIS A 10 -3.73 0.63 -1.58
CA HIS A 10 -2.42 0.53 -0.96
C HIS A 10 -1.43 -0.28 -1.80
N LEU A 11 -0.15 -0.03 -1.58
CA LEU A 11 0.91 -0.73 -2.29
C LEU A 11 1.82 -1.46 -1.33
N LEU A 12 1.65 -2.78 -1.23
CA LEU A 12 2.45 -3.60 -0.34
C LEU A 12 3.72 -4.09 -1.03
N VAL A 13 4.85 -3.93 -0.37
CA VAL A 13 6.13 -4.37 -0.92
C VAL A 13 7.05 -4.86 0.20
N LYS A 14 7.16 -6.17 0.35
CA LYS A 14 8.00 -6.77 1.39
C LYS A 14 9.47 -6.42 1.19
N HIS A 15 10.29 -6.83 2.16
CA HIS A 15 11.72 -6.58 2.11
C HIS A 15 12.49 -7.72 2.77
N SER A 16 13.79 -7.80 2.49
CA SER A 16 14.64 -8.85 3.06
C SER A 16 14.58 -8.86 4.59
N GLN A 17 14.15 -7.75 5.17
CA GLN A 17 14.06 -7.64 6.62
C GLN A 17 12.65 -7.98 7.14
N SER A 18 11.71 -8.17 6.22
CA SER A 18 10.34 -8.50 6.59
C SER A 18 10.26 -9.88 7.23
N ARG A 19 9.23 -10.11 8.03
CA ARG A 19 9.06 -11.40 8.70
C ARG A 19 8.88 -12.51 7.67
N ARG A 20 8.36 -12.15 6.49
CA ARG A 20 8.14 -13.10 5.43
C ARG A 20 8.16 -12.41 4.07
N PRO A 21 9.36 -12.22 3.49
CA PRO A 21 9.52 -11.56 2.19
C PRO A 21 8.95 -12.36 1.03
N SER A 22 7.68 -12.15 0.73
CA SER A 22 7.00 -12.82 -0.35
C SER A 22 5.55 -12.34 -0.45
N SER A 23 4.71 -13.11 -1.11
CA SER A 23 3.32 -12.73 -1.27
C SER A 23 2.38 -13.93 -1.34
N TRP A 24 1.09 -13.63 -1.47
CA TRP A 24 0.07 -14.66 -1.56
C TRP A 24 0.19 -15.41 -2.87
N ARG A 25 0.78 -14.76 -3.87
CA ARG A 25 0.98 -15.38 -5.17
C ARG A 25 2.42 -15.87 -5.27
N GLN A 26 2.97 -16.25 -4.12
CA GLN A 26 4.35 -16.72 -4.04
C GLN A 26 5.30 -15.53 -4.12
N GLU A 27 6.43 -15.73 -4.80
CA GLU A 27 7.39 -14.68 -4.96
C GLU A 27 7.92 -14.25 -3.61
N LYS A 28 9.22 -14.26 -3.51
CA LYS A 28 9.90 -13.89 -2.28
C LYS A 28 10.89 -12.77 -2.53
N ILE A 29 10.76 -11.71 -1.73
CA ILE A 29 11.58 -10.52 -1.85
C ILE A 29 12.87 -10.61 -1.03
N THR A 30 13.81 -9.71 -1.31
CA THR A 30 15.08 -9.67 -0.60
C THR A 30 15.74 -8.31 -0.75
N ARG A 31 14.99 -7.24 -0.46
CA ARG A 31 15.50 -5.88 -0.56
C ARG A 31 15.81 -5.30 0.82
N THR A 32 16.67 -4.29 0.85
CA THR A 32 17.03 -3.63 2.10
C THR A 32 16.08 -2.47 2.38
N LYS A 33 16.22 -1.88 3.58
CA LYS A 33 15.37 -0.76 3.96
C LYS A 33 15.38 0.34 2.89
N GLU A 34 16.57 0.69 2.42
CA GLU A 34 16.72 1.70 1.39
C GLU A 34 16.13 1.24 0.06
N GLU A 35 16.35 -0.03 -0.26
CA GLU A 35 15.85 -0.59 -1.52
C GLU A 35 14.32 -0.64 -1.54
N ALA A 36 13.73 -1.21 -0.50
CA ALA A 36 12.28 -1.31 -0.41
C ALA A 36 11.62 0.07 -0.45
N LEU A 37 12.03 0.94 0.47
CA LEU A 37 11.48 2.28 0.54
C LEU A 37 11.68 3.04 -0.78
N GLU A 38 12.70 2.63 -1.53
CA GLU A 38 13.00 3.27 -2.81
C GLU A 38 11.88 3.02 -3.81
N LEU A 39 11.41 1.77 -3.87
CA LEU A 39 10.35 1.42 -4.79
C LEU A 39 9.05 2.13 -4.43
N ILE A 40 8.69 2.06 -3.16
CA ILE A 40 7.47 2.70 -2.67
C ILE A 40 7.49 4.20 -3.01
N ASN A 41 8.59 4.87 -2.69
CA ASN A 41 8.72 6.30 -2.98
C ASN A 41 8.51 6.57 -4.47
N GLY A 42 9.24 5.85 -5.32
CA GLY A 42 9.10 6.02 -6.76
C GLY A 42 7.67 5.85 -7.20
N TYR A 43 6.94 4.97 -6.51
CA TYR A 43 5.54 4.72 -6.85
C TYR A 43 4.71 5.97 -6.55
N ILE A 44 5.01 6.63 -5.44
CA ILE A 44 4.30 7.83 -5.04
C ILE A 44 4.37 8.89 -6.13
N GLN A 45 5.57 9.09 -6.68
CA GLN A 45 5.77 10.09 -7.72
C GLN A 45 5.01 9.74 -9.00
N LYS A 46 5.39 8.63 -9.63
CA LYS A 46 4.76 8.19 -10.87
C LYS A 46 3.23 8.23 -10.79
N ILE A 47 2.69 7.64 -9.73
CA ILE A 47 1.24 7.60 -9.55
C ILE A 47 0.67 9.01 -9.44
N LYS A 48 1.22 9.80 -8.53
CA LYS A 48 0.76 11.17 -8.33
C LYS A 48 1.09 12.04 -9.55
N SER A 49 1.96 11.54 -10.43
CA SER A 49 2.34 12.27 -11.62
C SER A 49 1.32 12.06 -12.74
N GLY A 50 0.66 10.91 -12.70
CA GLY A 50 -0.33 10.59 -13.71
C GLY A 50 0.21 9.70 -14.80
N GLU A 51 1.44 9.20 -14.61
CA GLU A 51 2.06 8.32 -15.59
C GLU A 51 1.77 6.85 -15.27
N GLU A 52 1.81 6.51 -13.98
CA GLU A 52 1.54 5.15 -13.56
C GLU A 52 0.49 5.11 -12.46
N ASP A 53 -0.78 5.04 -12.87
CA ASP A 53 -1.89 5.01 -11.92
C ASP A 53 -1.61 4.05 -10.77
N PHE A 54 -2.19 4.33 -9.61
CA PHE A 54 -2.00 3.50 -8.44
C PHE A 54 -2.49 2.09 -8.71
N GLU A 55 -3.68 1.98 -9.29
CA GLU A 55 -4.26 0.69 -9.60
C GLU A 55 -3.33 -0.13 -10.49
N SER A 56 -2.91 0.44 -11.61
CA SER A 56 -2.03 -0.26 -12.52
C SER A 56 -0.67 -0.51 -11.88
N LEU A 57 -0.13 0.51 -11.21
CA LEU A 57 1.15 0.36 -10.54
C LEU A 57 1.07 -0.69 -9.44
N ALA A 58 0.28 -0.41 -8.42
CA ALA A 58 0.11 -1.33 -7.29
C ALA A 58 -0.07 -2.75 -7.77
N SER A 59 -0.99 -2.94 -8.70
CA SER A 59 -1.25 -4.26 -9.24
C SER A 59 0.04 -5.00 -9.58
N GLN A 60 0.87 -4.37 -10.42
CA GLN A 60 2.13 -4.98 -10.86
C GLN A 60 3.14 -5.11 -9.74
N PHE A 61 2.91 -4.42 -8.62
CA PHE A 61 3.83 -4.48 -7.51
C PHE A 61 3.11 -4.81 -6.19
N SER A 62 1.81 -5.11 -6.28
CA SER A 62 1.03 -5.41 -5.09
C SER A 62 1.26 -6.83 -4.58
N ASP A 63 2.07 -6.96 -3.54
CA ASP A 63 2.34 -8.26 -2.93
C ASP A 63 1.35 -8.52 -1.80
N CYS A 64 0.12 -8.05 -1.99
CA CYS A 64 -0.95 -8.23 -1.00
C CYS A 64 -2.24 -8.65 -1.69
N SER A 65 -3.18 -9.17 -0.91
CA SER A 65 -4.46 -9.61 -1.46
C SER A 65 -5.14 -8.50 -2.26
N SER A 66 -4.72 -7.25 -2.05
CA SER A 66 -5.28 -6.12 -2.76
C SER A 66 -5.08 -6.26 -4.27
N ALA A 67 -3.94 -6.84 -4.65
CA ALA A 67 -3.61 -7.05 -6.06
C ALA A 67 -4.84 -7.43 -6.88
N LYS A 68 -5.77 -8.15 -6.25
CA LYS A 68 -7.01 -8.55 -6.92
C LYS A 68 -7.69 -7.34 -7.52
N ALA A 69 -7.82 -6.28 -6.73
CA ALA A 69 -8.42 -5.04 -7.18
C ALA A 69 -7.35 -4.03 -7.55
N ARG A 70 -6.14 -4.51 -7.81
CA ARG A 70 -5.02 -3.66 -8.19
C ARG A 70 -4.66 -2.71 -7.05
N GLY A 71 -4.75 -3.18 -5.83
CA GLY A 71 -4.42 -2.35 -4.68
C GLY A 71 -5.63 -1.64 -4.10
N ASP A 72 -6.52 -1.18 -4.97
CA ASP A 72 -7.72 -0.48 -4.54
C ASP A 72 -8.56 -1.36 -3.63
N LEU A 73 -8.45 -1.14 -2.33
CA LEU A 73 -9.21 -1.90 -1.34
C LEU A 73 -10.69 -1.52 -1.37
N GLY A 74 -11.00 -0.43 -2.07
CA GLY A 74 -12.38 0.01 -2.13
C GLY A 74 -12.88 0.53 -0.80
N ALA A 75 -14.17 0.84 -0.73
CA ALA A 75 -14.77 1.34 0.50
C ALA A 75 -14.83 0.25 1.56
N PHE A 76 -14.01 0.39 2.60
CA PHE A 76 -13.99 -0.59 3.69
C PHE A 76 -14.34 0.05 5.01
N SER A 77 -14.36 -0.76 6.06
CA SER A 77 -14.69 -0.28 7.39
C SER A 77 -13.51 -0.46 8.35
N ARG A 78 -13.37 0.49 9.28
CA ARG A 78 -12.30 0.44 10.26
C ARG A 78 -12.22 -0.93 10.94
N GLY A 79 -11.05 -1.55 10.86
CA GLY A 79 -10.87 -2.86 11.47
C GLY A 79 -10.59 -3.95 10.46
N GLN A 80 -10.41 -3.56 9.20
CA GLN A 80 -10.16 -4.51 8.13
C GLN A 80 -8.66 -4.71 7.92
N MET A 81 -7.95 -3.61 7.70
CA MET A 81 -6.50 -3.66 7.47
C MET A 81 -5.74 -3.47 8.78
N GLN A 82 -4.40 -3.51 8.69
CA GLN A 82 -3.56 -3.33 9.86
C GLN A 82 -3.93 -2.07 10.63
N LYS A 83 -3.65 -2.06 11.93
CA LYS A 83 -3.96 -0.91 12.77
C LYS A 83 -3.37 0.37 12.20
N PRO A 84 -2.03 0.43 12.07
CA PRO A 84 -1.35 1.61 11.54
C PRO A 84 -1.92 2.02 10.18
N PHE A 85 -2.43 1.04 9.44
CA PHE A 85 -3.02 1.28 8.14
C PHE A 85 -4.26 2.16 8.27
N GLU A 86 -5.27 1.61 8.93
CA GLU A 86 -6.53 2.30 9.14
C GLU A 86 -6.31 3.72 9.65
N ASP A 87 -5.44 3.87 10.65
CA ASP A 87 -5.16 5.18 11.23
C ASP A 87 -4.77 6.18 10.15
N ALA A 88 -3.76 5.84 9.37
CA ALA A 88 -3.29 6.71 8.28
C ALA A 88 -4.41 6.95 7.28
N SER A 89 -5.02 5.87 6.80
CA SER A 89 -6.11 5.97 5.84
C SER A 89 -7.24 6.84 6.37
N PHE A 90 -7.67 6.55 7.58
CA PHE A 90 -8.76 7.29 8.22
C PHE A 90 -8.32 8.70 8.58
N ALA A 91 -7.01 8.93 8.63
CA ALA A 91 -6.47 10.25 8.97
C ALA A 91 -6.07 11.03 7.71
N LEU A 92 -6.08 10.36 6.56
CA LEU A 92 -5.72 11.01 5.31
C LEU A 92 -6.94 11.65 4.65
N ARG A 93 -6.68 12.62 3.77
CA ARG A 93 -7.76 13.33 3.08
C ARG A 93 -7.96 12.77 1.67
N THR A 94 -8.91 13.35 0.95
CA THR A 94 -9.22 12.92 -0.41
C THR A 94 -8.02 13.08 -1.33
N GLY A 95 -7.63 12.00 -1.99
CA GLY A 95 -6.51 12.05 -2.92
C GLY A 95 -5.18 12.25 -2.21
N GLU A 96 -5.08 11.81 -0.96
CA GLU A 96 -3.84 11.95 -0.21
C GLU A 96 -3.11 10.62 -0.12
N MET A 97 -1.78 10.67 -0.20
CA MET A 97 -0.95 9.48 -0.12
C MET A 97 -0.16 9.44 1.18
N SER A 98 -0.31 8.35 1.91
CA SER A 98 0.39 8.19 3.18
C SER A 98 1.85 7.85 2.97
N GLY A 99 2.71 8.40 3.82
CA GLY A 99 4.13 8.12 3.71
C GLY A 99 4.44 6.65 3.85
N PRO A 100 5.70 6.24 3.65
CA PRO A 100 6.10 4.84 3.77
C PRO A 100 5.70 4.24 5.11
N VAL A 101 4.84 3.22 5.07
CA VAL A 101 4.38 2.57 6.28
C VAL A 101 5.01 1.19 6.43
N PHE A 102 5.80 1.02 7.49
CA PHE A 102 6.48 -0.24 7.74
C PHE A 102 5.64 -1.15 8.64
N THR A 103 5.31 -2.33 8.12
CA THR A 103 4.52 -3.30 8.88
C THR A 103 5.19 -4.67 8.82
N ASP A 104 4.74 -5.59 9.67
CA ASP A 104 5.31 -6.94 9.72
C ASP A 104 5.59 -7.48 8.32
N SER A 105 4.70 -7.17 7.39
CA SER A 105 4.85 -7.60 6.00
C SER A 105 5.95 -6.83 5.28
N GLY A 106 5.90 -5.50 5.38
CA GLY A 106 6.91 -4.68 4.73
C GLY A 106 6.52 -3.21 4.68
N ILE A 107 6.79 -2.57 3.55
CA ILE A 107 6.45 -1.16 3.38
C ILE A 107 5.14 -1.01 2.62
N HIS A 108 4.28 -0.10 3.07
CA HIS A 108 2.99 0.10 2.42
C HIS A 108 2.74 1.56 2.09
N ILE A 109 2.05 1.77 0.98
CA ILE A 109 1.68 3.10 0.51
C ILE A 109 0.16 3.20 0.41
N ILE A 110 -0.45 4.06 1.22
CA ILE A 110 -1.89 4.22 1.19
C ILE A 110 -2.29 5.43 0.36
N LEU A 111 -3.49 5.35 -0.23
CA LEU A 111 -4.00 6.43 -1.07
C LEU A 111 -5.52 6.54 -0.94
N ARG A 112 -5.99 7.57 -0.24
CA ARG A 112 -7.42 7.77 -0.05
C ARG A 112 -8.10 8.09 -1.37
N THR A 113 -9.11 7.30 -1.72
CA THR A 113 -9.85 7.50 -2.95
C THR A 113 -11.14 8.26 -2.71
N GLU A 114 -11.92 7.79 -1.74
CA GLU A 114 -13.19 8.43 -1.40
C GLU A 114 -13.47 8.34 0.09
S SO4 B . 2.38 -11.47 5.40
O1 SO4 B . 1.51 -12.42 6.13
O2 SO4 B . 2.50 -10.23 6.16
O3 SO4 B . 1.78 -11.18 4.08
O4 SO4 B . 3.72 -12.08 5.21
N GLY A 1 -14.64 14.71 12.25
CA GLY A 1 -15.98 14.08 12.21
C GLY A 1 -15.95 12.59 12.46
N GLU A 2 -14.78 11.98 12.25
CA GLU A 2 -14.62 10.54 12.47
C GLU A 2 -15.49 9.75 11.50
N PRO A 3 -14.96 9.44 10.30
CA PRO A 3 -15.70 8.67 9.29
C PRO A 3 -15.98 7.25 9.73
N ALA A 4 -17.09 6.69 9.25
CA ALA A 4 -17.46 5.33 9.59
C ALA A 4 -16.75 4.31 8.70
N ARG A 5 -16.80 4.54 7.39
CA ARG A 5 -16.16 3.64 6.44
C ARG A 5 -15.71 4.40 5.20
N VAL A 6 -14.49 4.13 4.74
CA VAL A 6 -13.94 4.78 3.56
C VAL A 6 -13.34 3.77 2.59
N ARG A 7 -13.01 4.23 1.38
CA ARG A 7 -12.43 3.37 0.37
C ARG A 7 -11.01 3.80 0.05
N CYS A 8 -10.05 2.92 0.28
CA CYS A 8 -8.65 3.22 0.03
C CYS A 8 -7.93 2.05 -0.63
N SER A 9 -6.89 2.37 -1.40
CA SER A 9 -6.09 1.36 -2.07
C SER A 9 -4.68 1.39 -1.50
N HIS A 10 -3.95 0.29 -1.62
CA HIS A 10 -2.59 0.25 -1.08
C HIS A 10 -1.69 -0.70 -1.85
N LEU A 11 -0.39 -0.44 -1.76
CA LEU A 11 0.61 -1.27 -2.41
C LEU A 11 1.56 -1.85 -1.37
N LEU A 12 1.61 -3.18 -1.28
CA LEU A 12 2.46 -3.85 -0.30
C LEU A 12 3.80 -4.26 -0.89
N VAL A 13 4.88 -3.91 -0.18
CA VAL A 13 6.23 -4.26 -0.60
C VAL A 13 6.98 -4.90 0.56
N LYS A 14 6.98 -6.23 0.60
CA LYS A 14 7.64 -6.96 1.68
C LYS A 14 9.15 -6.84 1.58
N HIS A 15 9.82 -7.12 2.69
CA HIS A 15 11.28 -7.06 2.75
C HIS A 15 11.85 -8.23 3.54
N SER A 16 13.18 -8.32 3.58
CA SER A 16 13.86 -9.40 4.30
C SER A 16 13.54 -9.38 5.79
N GLN A 17 13.00 -8.26 6.27
CA GLN A 17 12.66 -8.14 7.68
C GLN A 17 11.20 -8.50 7.95
N SER A 18 10.45 -8.82 6.89
CA SER A 18 9.04 -9.19 7.04
C SER A 18 8.92 -10.53 7.75
N ARG A 19 7.85 -10.71 8.52
CA ARG A 19 7.63 -11.95 9.24
C ARG A 19 7.69 -13.14 8.30
N ARG A 20 7.42 -12.90 7.02
CA ARG A 20 7.46 -13.94 6.00
C ARG A 20 7.81 -13.34 4.64
N PRO A 21 9.11 -13.24 4.33
CA PRO A 21 9.57 -12.68 3.05
C PRO A 21 9.21 -13.56 1.87
N SER A 22 7.91 -13.63 1.58
CA SER A 22 7.41 -14.44 0.49
C SER A 22 5.96 -14.07 0.17
N SER A 23 5.58 -14.19 -1.09
CA SER A 23 4.23 -13.87 -1.50
C SER A 23 3.82 -14.67 -2.73
N TRP A 24 2.60 -14.45 -3.19
CA TRP A 24 2.09 -15.16 -4.37
C TRP A 24 2.93 -14.86 -5.61
N ARG A 25 3.76 -13.83 -5.54
CA ARG A 25 4.61 -13.44 -6.66
C ARG A 25 6.06 -13.83 -6.45
N GLN A 26 6.45 -14.04 -5.19
CA GLN A 26 7.84 -14.41 -4.89
C GLN A 26 7.91 -15.25 -3.61
N GLU A 27 9.12 -15.73 -3.30
CA GLU A 27 9.31 -16.55 -2.10
C GLU A 27 10.68 -16.30 -1.46
N LYS A 28 11.41 -15.30 -1.95
CA LYS A 28 12.72 -14.97 -1.40
C LYS A 28 12.96 -13.47 -1.43
N ILE A 29 12.26 -12.73 -0.56
CA ILE A 29 12.41 -11.29 -0.51
C ILE A 29 13.51 -10.89 0.46
N THR A 30 14.69 -10.59 -0.08
CA THR A 30 15.83 -10.19 0.74
C THR A 30 16.06 -8.68 0.65
N ARG A 31 14.98 -7.94 0.42
CA ARG A 31 15.06 -6.49 0.31
C ARG A 31 15.15 -5.85 1.69
N THR A 32 15.84 -4.72 1.78
CA THR A 32 16.00 -4.02 3.05
C THR A 32 14.92 -2.96 3.23
N LYS A 33 14.82 -2.43 4.45
CA LYS A 33 13.83 -1.40 4.76
C LYS A 33 14.03 -0.17 3.87
N GLU A 34 15.29 0.18 3.65
CA GLU A 34 15.62 1.33 2.81
C GLU A 34 15.23 1.08 1.36
N GLU A 35 15.44 -0.15 0.91
CA GLU A 35 15.12 -0.53 -0.46
C GLU A 35 13.62 -0.45 -0.72
N ALA A 36 12.83 -0.95 0.23
CA ALA A 36 11.38 -0.92 0.11
C ALA A 36 10.87 0.51 -0.04
N LEU A 37 11.42 1.40 0.77
CA LEU A 37 11.02 2.81 0.73
C LEU A 37 11.33 3.41 -0.64
N GLU A 38 12.43 2.98 -1.23
CA GLU A 38 12.84 3.47 -2.54
C GLU A 38 11.76 3.22 -3.59
N LEU A 39 11.25 2.00 -3.61
CA LEU A 39 10.22 1.61 -4.57
C LEU A 39 8.89 2.29 -4.23
N ILE A 40 8.47 2.15 -2.97
CA ILE A 40 7.22 2.74 -2.51
C ILE A 40 7.17 4.24 -2.83
N ASN A 41 8.19 4.97 -2.41
CA ASN A 41 8.27 6.41 -2.67
C ASN A 41 8.21 6.69 -4.17
N GLY A 42 9.00 5.95 -4.94
CA GLY A 42 9.00 6.12 -6.38
C GLY A 42 7.62 5.91 -6.98
N TYR A 43 6.88 4.97 -6.43
CA TYR A 43 5.53 4.67 -6.90
C TYR A 43 4.62 5.87 -6.70
N ILE A 44 4.78 6.55 -5.57
CA ILE A 44 3.99 7.73 -5.25
C ILE A 44 4.28 8.87 -6.22
N GLN A 45 5.52 8.93 -6.69
CA GLN A 45 5.94 9.97 -7.62
C GLN A 45 5.22 9.86 -8.95
N LYS A 46 5.33 8.68 -9.57
CA LYS A 46 4.68 8.44 -10.87
C LYS A 46 3.18 8.75 -10.82
N ILE A 47 2.49 8.16 -9.85
CA ILE A 47 1.06 8.36 -9.69
C ILE A 47 0.71 9.83 -9.55
N LYS A 48 1.37 10.51 -8.61
CA LYS A 48 1.10 11.93 -8.39
C LYS A 48 1.59 12.79 -9.55
N SER A 49 2.49 12.24 -10.36
CA SER A 49 3.01 12.99 -11.51
C SER A 49 2.07 12.86 -12.71
N GLY A 50 1.20 11.87 -12.68
CA GLY A 50 0.28 11.65 -13.78
C GLY A 50 0.83 10.69 -14.81
N GLU A 51 2.02 10.17 -14.57
CA GLU A 51 2.65 9.24 -15.49
C GLU A 51 2.06 7.84 -15.33
N GLU A 52 1.75 7.48 -14.09
CA GLU A 52 1.18 6.17 -13.81
C GLU A 52 -0.07 6.29 -12.94
N ASP A 53 -0.75 5.17 -12.74
CA ASP A 53 -1.97 5.13 -11.93
C ASP A 53 -1.79 4.19 -10.76
N PHE A 54 -2.23 4.61 -9.58
CA PHE A 54 -2.12 3.81 -8.38
C PHE A 54 -2.74 2.43 -8.57
N GLU A 55 -3.90 2.41 -9.21
CA GLU A 55 -4.60 1.15 -9.48
C GLU A 55 -3.72 0.20 -10.27
N SER A 56 -3.38 0.58 -11.49
CA SER A 56 -2.54 -0.25 -12.35
C SER A 56 -1.14 -0.40 -11.75
N LEU A 57 -0.70 0.61 -11.02
CA LEU A 57 0.62 0.57 -10.41
C LEU A 57 0.68 -0.54 -9.36
N ALA A 58 -0.11 -0.40 -8.29
CA ALA A 58 -0.16 -1.41 -7.22
C ALA A 58 -0.19 -2.80 -7.81
N SER A 59 -1.09 -3.04 -8.74
CA SER A 59 -1.19 -4.35 -9.36
C SER A 59 0.17 -4.84 -9.86
N GLN A 60 0.82 -4.03 -10.70
CA GLN A 60 2.10 -4.39 -11.28
C GLN A 60 3.22 -4.45 -10.26
N PHE A 61 2.96 -3.99 -9.05
CA PHE A 61 3.98 -4.01 -8.01
C PHE A 61 3.42 -4.53 -6.69
N SER A 62 2.18 -4.98 -6.69
CA SER A 62 1.55 -5.49 -5.48
C SER A 62 2.09 -6.88 -5.14
N ASP A 63 3.03 -6.94 -4.20
CA ASP A 63 3.61 -8.21 -3.78
C ASP A 63 2.55 -9.06 -3.09
N CYS A 64 1.57 -8.39 -2.48
CA CYS A 64 0.49 -9.08 -1.79
C CYS A 64 -0.60 -9.50 -2.77
N SER A 65 -1.44 -10.44 -2.35
CA SER A 65 -2.53 -10.92 -3.21
C SER A 65 -3.54 -9.81 -3.51
N SER A 66 -3.30 -8.61 -2.99
CA SER A 66 -4.20 -7.48 -3.24
C SER A 66 -4.27 -7.17 -4.72
N ALA A 67 -3.22 -7.55 -5.45
CA ALA A 67 -3.14 -7.31 -6.87
C ALA A 67 -4.45 -7.64 -7.61
N LYS A 68 -5.19 -8.65 -7.14
CA LYS A 68 -6.45 -9.01 -7.81
C LYS A 68 -7.37 -7.80 -7.92
N ALA A 69 -7.26 -6.90 -6.94
CA ALA A 69 -8.05 -5.68 -6.95
C ALA A 69 -7.18 -4.50 -7.34
N ARG A 70 -5.87 -4.75 -7.42
CA ARG A 70 -4.90 -3.73 -7.78
C ARG A 70 -4.64 -2.79 -6.61
N GLY A 71 -4.75 -3.33 -5.40
CA GLY A 71 -4.51 -2.54 -4.20
C GLY A 71 -5.78 -2.06 -3.55
N ASP A 72 -6.72 -1.54 -4.35
CA ASP A 72 -7.98 -1.04 -3.84
C ASP A 72 -8.72 -2.12 -3.04
N LEU A 73 -8.69 -2.00 -1.72
CA LEU A 73 -9.36 -2.97 -0.85
C LEU A 73 -10.86 -2.71 -0.79
N GLY A 74 -11.29 -1.58 -1.35
CA GLY A 74 -12.70 -1.24 -1.34
C GLY A 74 -13.09 -0.47 -0.10
N ALA A 75 -14.36 -0.06 -0.02
CA ALA A 75 -14.85 0.68 1.12
C ALA A 75 -14.84 -0.17 2.38
N PHE A 76 -14.01 0.21 3.35
CA PHE A 76 -13.91 -0.53 4.60
C PHE A 76 -14.27 0.36 5.79
N SER A 77 -14.21 -0.23 6.98
CA SER A 77 -14.51 0.50 8.21
C SER A 77 -13.29 0.55 9.11
N ARG A 78 -13.15 1.65 9.84
CA ARG A 78 -12.02 1.83 10.75
C ARG A 78 -11.86 0.61 11.67
N GLY A 79 -10.86 -0.21 11.38
CA GLY A 79 -10.62 -1.40 12.19
C GLY A 79 -10.53 -2.67 11.36
N GLN A 80 -10.67 -2.55 10.04
CA GLN A 80 -10.59 -3.70 9.15
C GLN A 80 -9.15 -3.98 8.74
N MET A 81 -8.44 -2.94 8.29
CA MET A 81 -7.06 -3.07 7.87
C MET A 81 -6.12 -2.97 9.06
N GLN A 82 -4.82 -3.08 8.80
CA GLN A 82 -3.81 -3.01 9.86
C GLN A 82 -3.98 -1.73 10.68
N LYS A 83 -3.37 -1.70 11.86
CA LYS A 83 -3.47 -0.55 12.73
C LYS A 83 -2.88 0.69 12.06
N PRO A 84 -1.58 0.67 11.72
CA PRO A 84 -0.93 1.81 11.06
C PRO A 84 -1.61 2.16 9.74
N PHE A 85 -2.31 1.17 9.18
CA PHE A 85 -3.02 1.36 7.92
C PHE A 85 -4.19 2.31 8.11
N GLU A 86 -5.15 1.89 8.94
CA GLU A 86 -6.33 2.69 9.22
C GLU A 86 -5.96 4.11 9.67
N ASP A 87 -5.01 4.21 10.59
CA ASP A 87 -4.58 5.51 11.09
C ASP A 87 -4.15 6.43 9.95
N ALA A 88 -3.15 5.98 9.18
CA ALA A 88 -2.65 6.76 8.06
C ALA A 88 -3.78 7.05 7.07
N SER A 89 -4.56 6.03 6.76
CA SER A 89 -5.67 6.17 5.82
C SER A 89 -6.67 7.20 6.33
N PHE A 90 -7.13 6.99 7.57
CA PHE A 90 -8.09 7.89 8.20
C PHE A 90 -7.47 9.26 8.49
N ALA A 91 -6.15 9.36 8.37
CA ALA A 91 -5.46 10.61 8.64
C ALA A 91 -5.14 11.37 7.35
N LEU A 92 -5.19 10.67 6.22
CA LEU A 92 -4.91 11.30 4.93
C LEU A 92 -6.18 11.87 4.31
N ARG A 93 -6.01 12.81 3.38
CA ARG A 93 -7.16 13.46 2.72
C ARG A 93 -7.46 12.84 1.36
N THR A 94 -8.73 12.84 0.99
CA THR A 94 -9.16 12.27 -0.30
C THR A 94 -8.26 12.72 -1.43
N GLY A 95 -7.63 11.76 -2.10
CA GLY A 95 -6.75 12.08 -3.21
C GLY A 95 -5.29 12.19 -2.81
N GLU A 96 -4.94 11.65 -1.64
CA GLU A 96 -3.57 11.70 -1.16
C GLU A 96 -2.99 10.31 -0.97
N MET A 97 -1.66 10.24 -0.82
CA MET A 97 -0.97 8.98 -0.63
C MET A 97 -0.29 8.95 0.74
N SER A 98 -0.47 7.83 1.45
CA SER A 98 0.13 7.67 2.77
C SER A 98 1.59 7.28 2.67
N GLY A 99 2.42 7.94 3.47
CA GLY A 99 3.84 7.63 3.46
C GLY A 99 4.14 6.17 3.71
N PRO A 100 5.41 5.75 3.61
CA PRO A 100 5.80 4.36 3.84
C PRO A 100 5.24 3.80 5.14
N VAL A 101 4.38 2.80 5.03
CA VAL A 101 3.78 2.18 6.20
C VAL A 101 4.37 0.79 6.44
N PHE A 102 5.12 0.65 7.53
CA PHE A 102 5.75 -0.61 7.87
C PHE A 102 4.78 -1.54 8.60
N THR A 103 4.56 -2.72 8.04
CA THR A 103 3.67 -3.71 8.62
C THR A 103 4.30 -5.08 8.61
N ASP A 104 3.64 -6.04 9.26
CA ASP A 104 4.12 -7.41 9.34
C ASP A 104 4.64 -7.91 7.99
N SER A 105 4.06 -7.39 6.92
CA SER A 105 4.45 -7.78 5.57
C SER A 105 5.61 -6.94 5.05
N GLY A 106 5.55 -5.63 5.28
CA GLY A 106 6.60 -4.75 4.83
C GLY A 106 6.16 -3.30 4.76
N ILE A 107 6.55 -2.60 3.70
CA ILE A 107 6.17 -1.21 3.53
C ILE A 107 4.91 -1.10 2.68
N HIS A 108 4.00 -0.22 3.08
CA HIS A 108 2.75 -0.05 2.35
C HIS A 108 2.44 1.41 2.08
N ILE A 109 1.80 1.64 0.94
CA ILE A 109 1.38 2.98 0.54
C ILE A 109 -0.14 2.97 0.35
N ILE A 110 -0.83 3.90 0.99
CA ILE A 110 -2.28 3.95 0.90
C ILE A 110 -2.77 5.22 0.22
N LEU A 111 -3.74 5.06 -0.67
CA LEU A 111 -4.32 6.19 -1.39
C LEU A 111 -5.82 6.24 -1.15
N ARG A 112 -6.31 7.39 -0.68
CA ARG A 112 -7.73 7.55 -0.42
C ARG A 112 -8.52 7.77 -1.71
N THR A 113 -9.53 6.94 -1.93
CA THR A 113 -10.35 7.05 -3.13
C THR A 113 -11.65 7.79 -2.83
N GLU A 114 -12.46 7.22 -1.95
CA GLU A 114 -13.74 7.83 -1.58
C GLU A 114 -14.62 8.03 -2.81
S SO4 B . 1.49 -11.64 5.71
O1 SO4 B . 0.22 -11.36 5.02
O2 SO4 B . 1.91 -10.46 6.49
O3 SO4 B . 2.52 -11.96 4.71
O4 SO4 B . 1.31 -12.80 6.62
N GLY A 1 -18.66 14.45 8.09
CA GLY A 1 -17.91 14.05 9.30
C GLY A 1 -16.96 12.90 9.05
N GLU A 2 -16.89 11.96 9.98
CA GLU A 2 -16.02 10.81 9.85
C GLU A 2 -16.82 9.51 9.76
N PRO A 3 -17.06 9.00 8.54
CA PRO A 3 -17.82 7.76 8.34
C PRO A 3 -17.09 6.54 8.87
N ALA A 4 -17.85 5.49 9.17
CA ALA A 4 -17.26 4.26 9.69
C ALA A 4 -16.56 3.47 8.59
N ARG A 5 -16.68 3.93 7.35
CA ARG A 5 -16.05 3.24 6.23
C ARG A 5 -15.49 4.26 5.22
N VAL A 6 -14.47 3.84 4.48
CA VAL A 6 -13.85 4.72 3.49
C VAL A 6 -13.24 3.91 2.35
N ARG A 7 -12.91 4.59 1.25
CA ARG A 7 -12.32 3.94 0.08
C ARG A 7 -10.85 4.32 -0.05
N CYS A 8 -9.97 3.34 0.15
CA CYS A 8 -8.53 3.58 0.06
C CYS A 8 -7.82 2.45 -0.66
N SER A 9 -6.72 2.79 -1.32
CA SER A 9 -5.90 1.81 -2.03
C SER A 9 -4.55 1.72 -1.37
N HIS A 10 -3.87 0.59 -1.52
CA HIS A 10 -2.57 0.43 -0.91
C HIS A 10 -1.62 -0.41 -1.77
N LEU A 11 -0.34 -0.37 -1.43
CA LEU A 11 0.69 -1.11 -2.14
C LEU A 11 1.66 -1.74 -1.15
N LEU A 12 1.74 -3.07 -1.17
CA LEU A 12 2.65 -3.78 -0.26
C LEU A 12 3.98 -4.06 -0.94
N VAL A 13 5.06 -3.97 -0.17
CA VAL A 13 6.40 -4.22 -0.67
C VAL A 13 7.27 -4.79 0.43
N LYS A 14 7.29 -6.11 0.55
CA LYS A 14 8.09 -6.78 1.57
C LYS A 14 9.56 -6.43 1.44
N HIS A 15 10.30 -6.67 2.51
CA HIS A 15 11.73 -6.38 2.54
C HIS A 15 12.50 -7.52 3.21
N SER A 16 13.81 -7.40 3.28
CA SER A 16 14.66 -8.41 3.88
C SER A 16 14.23 -8.73 5.31
N GLN A 17 13.62 -7.75 5.98
CA GLN A 17 13.18 -7.92 7.36
C GLN A 17 11.72 -8.37 7.46
N SER A 18 11.10 -8.70 6.33
CA SER A 18 9.70 -9.14 6.33
C SER A 18 9.56 -10.49 7.02
N ARG A 19 8.49 -10.64 7.81
CA ARG A 19 8.25 -11.90 8.51
C ARG A 19 8.16 -13.05 7.53
N ARG A 20 7.77 -12.74 6.30
CA ARG A 20 7.64 -13.75 5.25
C ARG A 20 7.83 -13.10 3.87
N PRO A 21 9.08 -12.95 3.44
CA PRO A 21 9.40 -12.34 2.13
C PRO A 21 9.05 -13.25 0.97
N SER A 22 7.80 -13.18 0.52
CA SER A 22 7.34 -13.99 -0.59
C SER A 22 5.92 -13.59 -0.99
N SER A 23 5.63 -13.67 -2.29
CA SER A 23 4.30 -13.30 -2.79
C SER A 23 4.11 -13.83 -4.22
N TRP A 24 2.93 -13.55 -4.78
CA TRP A 24 2.63 -14.00 -6.14
C TRP A 24 3.58 -13.39 -7.15
N ARG A 25 4.31 -12.35 -6.75
CA ARG A 25 5.25 -11.68 -7.64
C ARG A 25 6.69 -12.11 -7.36
N GLN A 26 6.96 -12.57 -6.14
CA GLN A 26 8.31 -13.01 -5.78
C GLN A 26 8.27 -14.15 -4.79
N GLU A 27 9.41 -14.80 -4.60
CA GLU A 27 9.52 -15.93 -3.68
C GLU A 27 10.57 -15.66 -2.61
N LYS A 28 11.65 -15.00 -3.00
CA LYS A 28 12.73 -14.68 -2.06
C LYS A 28 13.01 -13.18 -2.04
N ILE A 29 12.20 -12.45 -1.26
CA ILE A 29 12.36 -11.01 -1.15
C ILE A 29 13.42 -10.65 -0.11
N THR A 30 14.57 -10.18 -0.58
CA THR A 30 15.66 -9.79 0.30
C THR A 30 16.08 -8.35 0.04
N ARG A 31 15.09 -7.48 -0.16
CA ARG A 31 15.36 -6.07 -0.41
C ARG A 31 15.48 -5.32 0.90
N THR A 32 16.64 -4.70 1.13
CA THR A 32 16.88 -3.94 2.34
C THR A 32 15.88 -2.79 2.46
N LYS A 33 16.00 -2.02 3.53
CA LYS A 33 15.11 -0.88 3.76
C LYS A 33 15.10 0.06 2.57
N GLU A 34 16.28 0.60 2.24
CA GLU A 34 16.41 1.53 1.12
C GLU A 34 15.79 0.96 -0.15
N GLU A 35 16.15 -0.27 -0.48
CA GLU A 35 15.65 -0.94 -1.67
C GLU A 35 14.12 -0.97 -1.69
N ALA A 36 13.54 -1.59 -0.66
CA ALA A 36 12.09 -1.70 -0.56
C ALA A 36 11.42 -0.33 -0.53
N LEU A 37 12.01 0.60 0.21
CA LEU A 37 11.48 1.95 0.32
C LEU A 37 11.61 2.70 -0.99
N GLU A 38 12.74 2.54 -1.67
CA GLU A 38 12.96 3.21 -2.96
C GLU A 38 11.85 2.85 -3.95
N LEU A 39 11.26 1.66 -3.76
CA LEU A 39 10.19 1.21 -4.63
C LEU A 39 8.89 1.94 -4.28
N ILE A 40 8.50 1.86 -3.02
CA ILE A 40 7.29 2.51 -2.53
C ILE A 40 7.28 4.00 -2.93
N ASN A 41 8.40 4.67 -2.71
CA ASN A 41 8.54 6.08 -3.05
C ASN A 41 8.40 6.29 -4.55
N GLY A 42 9.24 5.61 -5.32
CA GLY A 42 9.19 5.73 -6.77
C GLY A 42 7.78 5.55 -7.30
N TYR A 43 7.02 4.67 -6.64
CA TYR A 43 5.65 4.41 -7.03
C TYR A 43 4.78 5.63 -6.79
N ILE A 44 5.05 6.33 -5.69
CA ILE A 44 4.30 7.54 -5.35
C ILE A 44 4.45 8.58 -6.46
N GLN A 45 5.64 8.66 -7.03
CA GLN A 45 5.92 9.63 -8.10
C GLN A 45 5.10 9.32 -9.35
N LYS A 46 5.30 8.14 -9.91
CA LYS A 46 4.60 7.72 -11.12
C LYS A 46 3.10 8.02 -11.02
N ILE A 47 2.51 7.64 -9.89
CA ILE A 47 1.08 7.88 -9.67
C ILE A 47 0.74 9.36 -9.76
N LYS A 48 1.50 10.18 -9.03
CA LYS A 48 1.28 11.61 -9.03
C LYS A 48 1.66 12.23 -10.38
N SER A 49 2.45 11.51 -11.16
CA SER A 49 2.88 12.00 -12.47
C SER A 49 1.81 11.72 -13.53
N GLY A 50 0.94 10.77 -13.24
CA GLY A 50 -0.10 10.41 -14.18
C GLY A 50 0.32 9.31 -15.14
N GLU A 51 1.51 8.76 -14.90
CA GLU A 51 2.04 7.69 -15.76
C GLU A 51 1.51 6.33 -15.28
N GLU A 52 1.43 6.16 -13.97
CA GLU A 52 0.94 4.91 -13.40
C GLU A 52 0.06 5.16 -12.19
N ASP A 53 -1.24 5.31 -12.43
CA ASP A 53 -2.20 5.55 -11.35
C ASP A 53 -1.97 4.56 -10.22
N PHE A 54 -2.40 4.91 -9.01
CA PHE A 54 -2.23 4.04 -7.87
C PHE A 54 -2.81 2.65 -8.14
N GLU A 55 -3.96 2.62 -8.79
CA GLU A 55 -4.62 1.36 -9.12
C GLU A 55 -3.70 0.48 -9.95
N SER A 56 -3.36 0.93 -11.16
CA SER A 56 -2.50 0.17 -12.05
C SER A 56 -1.10 0.05 -11.47
N LEU A 57 -0.69 1.05 -10.71
CA LEU A 57 0.63 1.06 -10.08
C LEU A 57 0.72 -0.08 -9.06
N ALA A 58 -0.08 0.00 -8.00
CA ALA A 58 -0.10 -1.02 -6.98
C ALA A 58 -0.14 -2.41 -7.60
N SER A 59 -1.03 -2.60 -8.55
CA SER A 59 -1.16 -3.88 -9.22
C SER A 59 0.19 -4.42 -9.72
N GLN A 60 0.89 -3.61 -10.51
CA GLN A 60 2.17 -4.04 -11.08
C GLN A 60 3.26 -4.21 -10.04
N PHE A 61 3.02 -3.71 -8.85
CA PHE A 61 4.01 -3.83 -7.79
C PHE A 61 3.38 -4.32 -6.48
N SER A 62 2.09 -4.67 -6.53
CA SER A 62 1.40 -5.15 -5.34
C SER A 62 1.94 -6.50 -4.88
N ASP A 63 2.79 -6.47 -3.86
CA ASP A 63 3.36 -7.70 -3.31
C ASP A 63 2.30 -8.48 -2.53
N CYS A 64 1.14 -7.86 -2.32
CA CYS A 64 0.04 -8.49 -1.58
C CYS A 64 -1.08 -8.93 -2.52
N SER A 65 -2.00 -9.72 -2.00
CA SER A 65 -3.14 -10.20 -2.77
C SER A 65 -4.04 -9.06 -3.24
N SER A 66 -3.66 -7.82 -2.89
CA SER A 66 -4.45 -6.66 -3.29
C SER A 66 -4.55 -6.59 -4.81
N ALA A 67 -3.56 -7.17 -5.48
CA ALA A 67 -3.54 -7.19 -6.95
C ALA A 67 -4.91 -7.50 -7.54
N LYS A 68 -5.71 -8.27 -6.79
CA LYS A 68 -7.05 -8.63 -7.24
C LYS A 68 -7.84 -7.39 -7.63
N ALA A 69 -7.57 -6.29 -6.94
CA ALA A 69 -8.25 -5.03 -7.20
C ALA A 69 -7.26 -3.93 -7.57
N ARG A 70 -6.00 -4.33 -7.80
CA ARG A 70 -4.95 -3.38 -8.16
C ARG A 70 -4.68 -2.42 -7.00
N GLY A 71 -4.73 -2.94 -5.78
CA GLY A 71 -4.47 -2.12 -4.61
C GLY A 71 -5.74 -1.50 -4.05
N ASP A 72 -6.58 -0.97 -4.93
CA ASP A 72 -7.83 -0.35 -4.50
C ASP A 72 -8.67 -1.32 -3.67
N LEU A 73 -8.61 -1.17 -2.35
CA LEU A 73 -9.37 -2.02 -1.46
C LEU A 73 -10.85 -1.67 -1.46
N GLY A 74 -11.20 -0.56 -2.11
CA GLY A 74 -12.58 -0.13 -2.18
C GLY A 74 -13.08 0.39 -0.84
N ALA A 75 -14.36 0.74 -0.77
CA ALA A 75 -14.94 1.25 0.45
C ALA A 75 -14.99 0.17 1.53
N PHE A 76 -14.15 0.31 2.55
CA PHE A 76 -14.10 -0.66 3.63
C PHE A 76 -14.41 0.00 4.97
N SER A 77 -14.39 -0.81 6.02
CA SER A 77 -14.67 -0.34 7.37
C SER A 77 -13.45 -0.54 8.26
N ARG A 78 -13.23 0.40 9.17
CA ARG A 78 -12.08 0.31 10.09
C ARG A 78 -12.14 -0.98 10.91
N GLY A 79 -10.98 -1.44 11.34
CA GLY A 79 -10.91 -2.67 12.13
C GLY A 79 -10.63 -3.89 11.28
N GLN A 80 -10.38 -3.69 9.99
CA GLN A 80 -10.10 -4.79 9.08
C GLN A 80 -8.61 -4.88 8.77
N MET A 81 -8.02 -3.76 8.38
CA MET A 81 -6.59 -3.73 8.05
C MET A 81 -5.75 -3.43 9.29
N GLN A 82 -4.44 -3.37 9.11
CA GLN A 82 -3.52 -3.10 10.21
C GLN A 82 -3.91 -1.80 10.92
N LYS A 83 -3.58 -1.71 12.21
CA LYS A 83 -3.90 -0.53 13.00
C LYS A 83 -3.33 0.74 12.35
N PRO A 84 -2.02 0.79 12.06
CA PRO A 84 -1.40 1.97 11.43
C PRO A 84 -2.04 2.27 10.08
N PHE A 85 -2.57 1.23 9.45
CA PHE A 85 -3.22 1.38 8.15
C PHE A 85 -4.47 2.25 8.27
N GLU A 86 -5.43 1.74 9.03
CA GLU A 86 -6.69 2.44 9.24
C GLU A 86 -6.46 3.87 9.74
N ASP A 87 -5.61 4.02 10.74
CA ASP A 87 -5.32 5.33 11.30
C ASP A 87 -4.89 6.31 10.20
N ALA A 88 -3.89 5.91 9.43
CA ALA A 88 -3.40 6.74 8.34
C ALA A 88 -4.49 6.99 7.31
N SER A 89 -5.09 5.90 6.84
CA SER A 89 -6.18 5.98 5.85
C SER A 89 -7.28 6.91 6.34
N PHE A 90 -7.72 6.69 7.57
CA PHE A 90 -8.78 7.49 8.17
C PHE A 90 -8.29 8.90 8.53
N ALA A 91 -6.97 9.09 8.49
CA ALA A 91 -6.38 10.38 8.81
C ALA A 91 -5.89 11.11 7.56
N LEU A 92 -6.04 10.47 6.40
CA LEU A 92 -5.60 11.06 5.13
C LEU A 92 -6.72 11.89 4.51
N ARG A 93 -6.34 12.76 3.57
CA ARG A 93 -7.30 13.62 2.89
C ARG A 93 -7.66 13.03 1.53
N THR A 94 -8.71 13.57 0.91
CA THR A 94 -9.15 13.10 -0.40
C THR A 94 -8.06 13.29 -1.44
N GLY A 95 -7.56 12.18 -1.99
CA GLY A 95 -6.52 12.25 -2.99
C GLY A 95 -5.14 12.41 -2.39
N GLU A 96 -4.96 11.91 -1.17
CA GLU A 96 -3.69 12.00 -0.48
C GLU A 96 -3.05 10.63 -0.33
N MET A 97 -1.72 10.60 -0.28
CA MET A 97 -0.98 9.35 -0.15
C MET A 97 -0.25 9.30 1.19
N SER A 98 -0.38 8.18 1.89
CA SER A 98 0.26 8.00 3.18
C SER A 98 1.74 7.67 3.01
N GLY A 99 2.57 8.16 3.93
CA GLY A 99 3.98 7.90 3.88
C GLY A 99 4.32 6.43 4.10
N PRO A 100 5.55 6.00 3.77
CA PRO A 100 5.97 4.61 3.94
C PRO A 100 5.68 4.09 5.35
N VAL A 101 4.80 3.10 5.43
CA VAL A 101 4.44 2.51 6.72
C VAL A 101 5.05 1.12 6.87
N PHE A 102 5.88 0.95 7.89
CA PHE A 102 6.54 -0.32 8.14
C PHE A 102 5.67 -1.24 8.98
N THR A 103 5.28 -2.37 8.41
CA THR A 103 4.45 -3.35 9.11
C THR A 103 5.06 -4.75 9.00
N ASP A 104 4.51 -5.69 9.76
CA ASP A 104 5.00 -7.07 9.76
C ASP A 104 5.37 -7.53 8.35
N SER A 105 4.45 -7.34 7.42
CA SER A 105 4.67 -7.74 6.03
C SER A 105 5.80 -6.93 5.40
N GLY A 106 5.77 -5.61 5.60
CA GLY A 106 6.80 -4.75 5.04
C GLY A 106 6.36 -3.30 4.96
N ILE A 107 6.69 -2.64 3.86
CA ILE A 107 6.32 -1.24 3.67
C ILE A 107 5.04 -1.13 2.87
N HIS A 108 4.11 -0.30 3.34
CA HIS A 108 2.84 -0.11 2.66
C HIS A 108 2.56 1.36 2.37
N ILE A 109 1.90 1.59 1.24
CA ILE A 109 1.51 2.92 0.82
C ILE A 109 -0.01 2.97 0.68
N ILE A 110 -0.64 3.99 1.26
CA ILE A 110 -2.09 4.10 1.21
C ILE A 110 -2.53 5.39 0.53
N LEU A 111 -3.70 5.34 -0.11
CA LEU A 111 -4.25 6.50 -0.80
C LEU A 111 -5.77 6.58 -0.61
N ARG A 112 -6.25 7.74 -0.19
CA ARG A 112 -7.68 7.94 0.03
C ARG A 112 -8.40 8.23 -1.30
N THR A 113 -9.33 7.36 -1.66
CA THR A 113 -10.09 7.52 -2.90
C THR A 113 -11.45 8.13 -2.65
N GLU A 114 -11.97 7.92 -1.43
CA GLU A 114 -13.28 8.45 -1.03
C GLU A 114 -14.41 7.50 -1.49
S SO4 B . 2.65 -13.56 4.87
O1 SO4 B . 1.32 -14.20 4.76
O2 SO4 B . 2.48 -12.13 5.18
O3 SO4 B . 3.37 -13.72 3.59
O4 SO4 B . 3.42 -14.21 5.95
N GLY A 1 -18.90 14.10 13.86
CA GLY A 1 -19.02 12.85 13.05
C GLY A 1 -17.67 12.36 12.57
N GLU A 2 -17.53 11.03 12.47
CA GLU A 2 -16.28 10.43 12.02
C GLU A 2 -16.55 9.41 10.90
N PRO A 3 -15.67 9.38 9.88
CA PRO A 3 -15.82 8.44 8.76
C PRO A 3 -15.79 6.99 9.22
N ALA A 4 -16.90 6.28 9.00
CA ALA A 4 -17.00 4.88 9.39
C ALA A 4 -16.36 3.97 8.35
N ARG A 5 -16.43 4.39 7.09
CA ARG A 5 -15.86 3.60 6.00
C ARG A 5 -15.43 4.51 4.84
N VAL A 6 -14.27 4.22 4.26
CA VAL A 6 -13.75 5.01 3.15
C VAL A 6 -13.11 4.13 2.09
N ARG A 7 -12.85 4.72 0.93
CA ARG A 7 -12.22 3.98 -0.18
C ARG A 7 -10.75 4.34 -0.29
N CYS A 8 -9.89 3.34 -0.14
CA CYS A 8 -8.44 3.55 -0.21
C CYS A 8 -7.74 2.40 -0.91
N SER A 9 -6.62 2.72 -1.56
CA SER A 9 -5.82 1.72 -2.25
C SER A 9 -4.46 1.61 -1.58
N HIS A 10 -3.82 0.45 -1.67
CA HIS A 10 -2.51 0.27 -1.05
C HIS A 10 -1.60 -0.64 -1.86
N LEU A 11 -0.30 -0.51 -1.62
CA LEU A 11 0.71 -1.31 -2.32
C LEU A 11 1.63 -1.98 -1.31
N LEU A 12 1.60 -3.31 -1.26
CA LEU A 12 2.45 -4.05 -0.33
C LEU A 12 3.80 -4.39 -0.94
N VAL A 13 4.87 -3.96 -0.29
CA VAL A 13 6.22 -4.23 -0.77
C VAL A 13 7.07 -4.86 0.34
N LYS A 14 6.99 -6.18 0.44
CA LYS A 14 7.75 -6.90 1.46
C LYS A 14 9.23 -6.65 1.30
N HIS A 15 9.99 -6.99 2.35
CA HIS A 15 11.43 -6.79 2.33
C HIS A 15 12.16 -7.99 2.94
N SER A 16 13.48 -7.97 2.84
CA SER A 16 14.31 -9.05 3.37
C SER A 16 14.01 -9.34 4.84
N GLN A 17 13.45 -8.34 5.53
CA GLN A 17 13.14 -8.50 6.95
C GLN A 17 11.69 -8.95 7.16
N SER A 18 10.99 -9.26 6.07
CA SER A 18 9.61 -9.71 6.17
C SER A 18 9.52 -11.08 6.84
N ARG A 19 8.55 -11.24 7.73
CA ARG A 19 8.38 -12.51 8.42
C ARG A 19 8.10 -13.64 7.43
N ARG A 20 7.65 -13.26 6.23
CA ARG A 20 7.35 -14.24 5.19
C ARG A 20 7.55 -13.62 3.81
N PRO A 21 8.81 -13.56 3.33
CA PRO A 21 9.14 -12.99 2.03
C PRO A 21 8.77 -13.92 0.88
N SER A 22 7.48 -13.97 0.56
CA SER A 22 6.99 -14.81 -0.52
C SER A 22 5.57 -14.42 -0.91
N SER A 23 5.32 -14.32 -2.21
CA SER A 23 4.01 -13.96 -2.72
C SER A 23 3.83 -14.47 -4.15
N TRP A 24 2.65 -14.20 -4.72
CA TRP A 24 2.36 -14.63 -6.08
C TRP A 24 3.39 -14.08 -7.07
N ARG A 25 4.07 -13.01 -6.68
CA ARG A 25 5.09 -12.40 -7.52
C ARG A 25 6.40 -13.18 -7.47
N GLN A 26 6.77 -13.65 -6.27
CA GLN A 26 7.99 -14.41 -6.10
C GLN A 26 7.91 -15.30 -4.86
N GLU A 27 8.81 -16.28 -4.78
CA GLU A 27 8.84 -17.20 -3.64
C GLU A 27 9.92 -16.80 -2.64
N LYS A 28 10.91 -16.03 -3.09
CA LYS A 28 12.00 -15.60 -2.23
C LYS A 28 12.32 -14.12 -2.45
N ILE A 29 11.75 -13.26 -1.60
CA ILE A 29 11.99 -11.83 -1.72
C ILE A 29 13.21 -11.40 -0.91
N THR A 30 14.08 -10.62 -1.53
CA THR A 30 15.29 -10.14 -0.87
C THR A 30 15.40 -8.63 -0.95
N ARG A 31 14.25 -7.96 -0.94
CA ARG A 31 14.21 -6.50 -1.00
C ARG A 31 14.59 -5.87 0.33
N THR A 32 15.78 -5.28 0.38
CA THR A 32 16.25 -4.65 1.60
C THR A 32 15.29 -3.56 2.07
N LYS A 33 15.48 -3.08 3.29
CA LYS A 33 14.63 -2.05 3.85
C LYS A 33 14.65 -0.78 2.99
N GLU A 34 15.82 -0.16 2.90
CA GLU A 34 15.98 1.06 2.12
C GLU A 34 15.51 0.86 0.67
N GLU A 35 15.75 -0.34 0.14
CA GLU A 35 15.36 -0.65 -1.23
C GLU A 35 13.84 -0.57 -1.41
N ALA A 36 13.11 -1.30 -0.56
CA ALA A 36 11.66 -1.30 -0.63
C ALA A 36 11.10 0.10 -0.43
N LEU A 37 11.81 0.91 0.36
CA LEU A 37 11.40 2.27 0.62
C LEU A 37 11.57 3.12 -0.65
N GLU A 38 12.56 2.76 -1.45
CA GLU A 38 12.85 3.49 -2.68
C GLU A 38 11.70 3.36 -3.68
N LEU A 39 11.24 2.14 -3.89
CA LEU A 39 10.12 1.90 -4.83
C LEU A 39 8.84 2.52 -4.29
N ILE A 40 8.50 2.21 -3.03
CA ILE A 40 7.29 2.75 -2.41
C ILE A 40 7.21 4.27 -2.64
N ASN A 41 8.32 4.96 -2.37
CA ASN A 41 8.38 6.40 -2.57
C ASN A 41 8.18 6.76 -4.03
N GLY A 42 8.94 6.10 -4.91
CA GLY A 42 8.82 6.36 -6.33
C GLY A 42 7.38 6.19 -6.81
N TYR A 43 6.72 5.15 -6.31
CA TYR A 43 5.34 4.88 -6.67
C TYR A 43 4.47 6.10 -6.36
N ILE A 44 4.72 6.71 -5.21
CA ILE A 44 3.97 7.89 -4.78
C ILE A 44 4.10 9.02 -5.80
N GLN A 45 5.31 9.29 -6.24
CA GLN A 45 5.57 10.36 -7.20
C GLN A 45 4.75 10.18 -8.47
N LYS A 46 5.03 9.11 -9.22
CA LYS A 46 4.31 8.84 -10.46
C LYS A 46 2.79 8.89 -10.27
N ILE A 47 2.31 8.27 -9.20
CA ILE A 47 0.88 8.26 -8.92
C ILE A 47 0.37 9.67 -8.65
N LYS A 48 1.04 10.37 -7.74
CA LYS A 48 0.64 11.73 -7.41
C LYS A 48 0.90 12.68 -8.58
N SER A 49 1.68 12.20 -9.57
CA SER A 49 1.99 13.01 -10.74
C SER A 49 0.87 12.92 -11.77
N GLY A 50 0.17 11.79 -11.76
CA GLY A 50 -0.92 11.58 -12.70
C GLY A 50 -0.46 10.82 -13.92
N GLU A 51 0.76 10.28 -13.86
CA GLU A 51 1.32 9.52 -14.98
C GLU A 51 0.98 8.04 -14.84
N GLU A 52 1.07 7.52 -13.61
CA GLU A 52 0.77 6.11 -13.38
C GLU A 52 -0.33 5.94 -12.34
N ASP A 53 -1.35 5.15 -12.68
CA ASP A 53 -2.46 4.91 -11.78
C ASP A 53 -2.07 3.97 -10.65
N PHE A 54 -2.40 4.37 -9.42
CA PHE A 54 -2.09 3.57 -8.24
C PHE A 54 -2.70 2.19 -8.36
N GLU A 55 -3.92 2.13 -8.89
CA GLU A 55 -4.62 0.86 -9.06
C GLU A 55 -3.81 -0.09 -9.94
N SER A 56 -3.53 0.35 -11.16
CA SER A 56 -2.76 -0.46 -12.10
C SER A 56 -1.33 -0.66 -11.59
N LEU A 57 -0.76 0.38 -11.00
CA LEU A 57 0.59 0.29 -10.46
C LEU A 57 0.67 -0.83 -9.44
N ALA A 58 -0.06 -0.65 -8.33
CA ALA A 58 -0.09 -1.65 -7.25
C ALA A 58 -0.10 -3.06 -7.82
N SER A 59 -1.08 -3.34 -8.68
CA SER A 59 -1.18 -4.66 -9.29
C SER A 59 0.18 -5.18 -9.78
N GLN A 60 0.82 -4.40 -10.65
CA GLN A 60 2.11 -4.79 -11.22
C GLN A 60 3.24 -4.80 -10.19
N PHE A 61 2.97 -4.25 -9.02
CA PHE A 61 3.99 -4.20 -7.97
C PHE A 61 3.44 -4.69 -6.63
N SER A 62 2.20 -5.17 -6.62
CA SER A 62 1.60 -5.66 -5.39
C SER A 62 2.15 -7.01 -4.99
N ASP A 63 2.91 -7.03 -3.88
CA ASP A 63 3.49 -8.26 -3.38
C ASP A 63 2.53 -8.91 -2.39
N CYS A 64 1.24 -8.76 -2.63
CA CYS A 64 0.21 -9.30 -1.78
C CYS A 64 -1.02 -9.68 -2.60
N SER A 65 -1.97 -10.34 -1.97
CA SER A 65 -3.19 -10.75 -2.66
C SER A 65 -4.00 -9.54 -3.15
N SER A 66 -3.51 -8.33 -2.88
CA SER A 66 -4.20 -7.12 -3.32
C SER A 66 -4.35 -7.11 -4.83
N ALA A 67 -3.40 -7.74 -5.52
CA ALA A 67 -3.41 -7.81 -6.98
C ALA A 67 -4.82 -8.10 -7.51
N LYS A 68 -5.60 -8.84 -6.74
CA LYS A 68 -6.97 -9.17 -7.14
C LYS A 68 -7.74 -7.90 -7.47
N ALA A 69 -7.51 -6.87 -6.67
CA ALA A 69 -8.16 -5.57 -6.87
C ALA A 69 -7.13 -4.51 -7.27
N ARG A 70 -5.95 -4.97 -7.67
CA ARG A 70 -4.88 -4.05 -8.08
C ARG A 70 -4.51 -3.10 -6.94
N GLY A 71 -4.51 -3.61 -5.72
CA GLY A 71 -4.17 -2.80 -4.57
C GLY A 71 -5.39 -2.14 -3.95
N ASP A 72 -6.29 -1.65 -4.80
CA ASP A 72 -7.49 -0.98 -4.31
C ASP A 72 -8.35 -1.91 -3.47
N LEU A 73 -8.43 -1.60 -2.17
CA LEU A 73 -9.23 -2.40 -1.25
C LEU A 73 -10.69 -1.95 -1.24
N GLY A 74 -11.02 -1.01 -2.14
CA GLY A 74 -12.39 -0.51 -2.19
C GLY A 74 -12.81 0.15 -0.89
N ALA A 75 -14.08 0.54 -0.81
CA ALA A 75 -14.60 1.16 0.39
C ALA A 75 -14.65 0.18 1.55
N PHE A 76 -13.81 0.40 2.57
CA PHE A 76 -13.78 -0.48 3.72
C PHE A 76 -14.12 0.27 5.00
N SER A 77 -14.14 -0.46 6.11
CA SER A 77 -14.45 0.11 7.40
C SER A 77 -13.26 -0.01 8.36
N ARG A 78 -13.07 1.02 9.18
CA ARG A 78 -11.98 1.03 10.15
C ARG A 78 -11.94 -0.26 10.96
N GLY A 79 -10.74 -0.65 11.38
CA GLY A 79 -10.60 -1.87 12.17
C GLY A 79 -10.33 -3.09 11.33
N GLN A 80 -10.18 -2.90 10.02
CA GLN A 80 -9.93 -4.02 9.10
C GLN A 80 -8.43 -4.17 8.85
N MET A 81 -7.80 -3.10 8.41
CA MET A 81 -6.37 -3.12 8.12
C MET A 81 -5.55 -2.79 9.37
N GLN A 82 -4.23 -2.79 9.23
CA GLN A 82 -3.34 -2.48 10.35
C GLN A 82 -3.68 -1.13 10.95
N LYS A 83 -3.32 -0.93 12.21
CA LYS A 83 -3.59 0.32 12.91
C LYS A 83 -3.06 1.52 12.11
N PRO A 84 -1.75 1.55 11.81
CA PRO A 84 -1.16 2.66 11.05
C PRO A 84 -1.84 2.84 9.70
N PHE A 85 -2.40 1.74 9.18
CA PHE A 85 -3.09 1.78 7.89
C PHE A 85 -4.33 2.65 8.00
N GLU A 86 -5.28 2.20 8.82
CA GLU A 86 -6.53 2.92 9.02
C GLU A 86 -6.28 4.36 9.46
N ASP A 87 -5.40 4.54 10.43
CA ASP A 87 -5.08 5.87 10.95
C ASP A 87 -4.63 6.80 9.82
N ALA A 88 -3.58 6.39 9.11
CA ALA A 88 -3.06 7.18 8.01
C ALA A 88 -4.13 7.41 6.94
N SER A 89 -4.79 6.33 6.53
CA SER A 89 -5.84 6.40 5.52
C SER A 89 -6.97 7.32 5.98
N PHE A 90 -7.43 7.13 7.21
CA PHE A 90 -8.52 7.92 7.76
C PHE A 90 -8.07 9.36 8.04
N ALA A 91 -6.76 9.59 8.08
CA ALA A 91 -6.22 10.91 8.34
C ALA A 91 -5.66 11.57 7.07
N LEU A 92 -5.71 10.85 5.96
CA LEU A 92 -5.21 11.38 4.69
C LEU A 92 -6.28 12.16 3.94
N ARG A 93 -5.84 12.93 2.95
CA ARG A 93 -6.76 13.73 2.15
C ARG A 93 -7.08 13.03 0.82
N THR A 94 -8.31 13.19 0.35
CA THR A 94 -8.74 12.57 -0.90
C THR A 94 -7.79 12.91 -2.04
N GLY A 95 -7.15 11.89 -2.61
CA GLY A 95 -6.22 12.10 -3.70
C GLY A 95 -4.79 12.25 -3.21
N GLU A 96 -4.52 11.78 -2.01
CA GLU A 96 -3.18 11.85 -1.43
C GLU A 96 -2.68 10.47 -1.03
N MET A 97 -1.36 10.34 -0.87
CA MET A 97 -0.76 9.07 -0.50
C MET A 97 -0.15 9.13 0.89
N SER A 98 -0.18 8.00 1.59
CA SER A 98 0.36 7.91 2.94
C SER A 98 1.83 7.52 2.91
N GLY A 99 2.53 7.81 4.01
CA GLY A 99 3.94 7.47 4.10
C GLY A 99 4.15 5.97 4.24
N PRO A 100 5.37 5.49 4.00
CA PRO A 100 5.68 4.06 4.10
C PRO A 100 5.34 3.49 5.47
N VAL A 101 4.48 2.46 5.49
CA VAL A 101 4.06 1.84 6.73
C VAL A 101 4.72 0.47 6.88
N PHE A 102 5.49 0.31 7.95
CA PHE A 102 6.17 -0.96 8.21
C PHE A 102 5.25 -1.94 8.93
N THR A 103 4.99 -3.08 8.29
CA THR A 103 4.12 -4.11 8.85
C THR A 103 4.78 -5.48 8.74
N ASP A 104 4.20 -6.46 9.43
CA ASP A 104 4.72 -7.83 9.42
C ASP A 104 5.22 -8.24 8.04
N SER A 105 4.46 -7.90 7.01
CA SER A 105 4.84 -8.23 5.63
C SER A 105 6.01 -7.38 5.17
N GLY A 106 5.90 -6.07 5.39
CA GLY A 106 6.96 -5.17 4.97
C GLY A 106 6.53 -3.72 4.98
N ILE A 107 6.57 -3.09 3.81
CA ILE A 107 6.17 -1.70 3.68
C ILE A 107 4.89 -1.58 2.87
N HIS A 108 4.01 -0.69 3.31
CA HIS A 108 2.75 -0.48 2.61
C HIS A 108 2.46 1.01 2.40
N ILE A 109 1.88 1.30 1.27
CA ILE A 109 1.49 2.66 0.91
C ILE A 109 -0.02 2.70 0.72
N ILE A 110 -0.65 3.81 1.09
CA ILE A 110 -2.09 3.93 0.95
C ILE A 110 -2.49 5.25 0.30
N LEU A 111 -3.57 5.19 -0.48
CA LEU A 111 -4.08 6.37 -1.17
C LEU A 111 -5.58 6.48 -0.98
N ARG A 112 -6.03 7.65 -0.52
CA ARG A 112 -7.45 7.88 -0.29
C ARG A 112 -8.16 8.18 -1.61
N THR A 113 -9.19 7.39 -1.91
CA THR A 113 -9.95 7.57 -3.14
C THR A 113 -11.21 8.39 -2.88
N GLU A 114 -12.00 7.96 -1.91
CA GLU A 114 -13.23 8.66 -1.56
C GLU A 114 -13.96 7.94 -0.42
S SO4 B . 3.37 -11.50 5.45
O1 SO4 B . 4.72 -11.60 4.88
O2 SO4 B . 2.91 -12.84 5.85
O3 SO4 B . 2.44 -10.96 4.43
O4 SO4 B . 3.38 -10.61 6.62
N GLY A 1 -18.91 10.69 15.85
CA GLY A 1 -19.23 11.48 14.62
C GLY A 1 -18.10 11.50 13.63
N GLU A 2 -17.64 10.32 13.24
CA GLU A 2 -16.55 10.19 12.27
C GLU A 2 -16.87 9.15 11.21
N PRO A 3 -16.11 9.13 10.11
CA PRO A 3 -16.32 8.17 9.02
C PRO A 3 -16.14 6.73 9.48
N ALA A 4 -17.22 5.96 9.42
CA ALA A 4 -17.19 4.56 9.83
C ALA A 4 -16.60 3.67 8.74
N ARG A 5 -16.66 4.14 7.50
CA ARG A 5 -16.13 3.38 6.37
C ARG A 5 -15.62 4.32 5.28
N VAL A 6 -14.57 3.87 4.58
CA VAL A 6 -14.00 4.66 3.50
C VAL A 6 -13.34 3.78 2.45
N ARG A 7 -13.25 4.29 1.23
CA ARG A 7 -12.64 3.55 0.12
C ARG A 7 -11.19 3.97 -0.07
N CYS A 8 -10.26 3.02 0.04
CA CYS A 8 -8.85 3.30 -0.12
C CYS A 8 -8.11 2.18 -0.85
N SER A 9 -7.00 2.53 -1.47
CA SER A 9 -6.17 1.58 -2.18
C SER A 9 -4.82 1.47 -1.48
N HIS A 10 -4.13 0.35 -1.63
CA HIS A 10 -2.84 0.19 -0.97
C HIS A 10 -1.89 -0.66 -1.80
N LEU A 11 -0.59 -0.47 -1.57
CA LEU A 11 0.45 -1.21 -2.28
C LEU A 11 1.43 -1.83 -1.29
N LEU A 12 1.57 -3.15 -1.37
CA LEU A 12 2.48 -3.87 -0.47
C LEU A 12 3.83 -4.14 -1.14
N VAL A 13 4.91 -3.93 -0.40
CA VAL A 13 6.25 -4.16 -0.90
C VAL A 13 7.12 -4.85 0.14
N LYS A 14 7.09 -6.18 0.14
CA LYS A 14 7.87 -6.95 1.10
C LYS A 14 9.35 -6.67 0.94
N HIS A 15 10.13 -7.07 1.94
CA HIS A 15 11.57 -6.85 1.91
C HIS A 15 12.33 -8.03 2.54
N SER A 16 13.64 -8.03 2.38
CA SER A 16 14.48 -9.09 2.93
C SER A 16 14.30 -9.22 4.44
N GLN A 17 13.77 -8.17 5.07
CA GLN A 17 13.55 -8.16 6.51
C GLN A 17 12.12 -8.60 6.86
N SER A 18 11.33 -8.95 5.84
CA SER A 18 9.96 -9.38 6.07
C SER A 18 9.94 -10.72 6.81
N ARG A 19 8.92 -10.93 7.64
CA ARG A 19 8.81 -12.17 8.40
C ARG A 19 8.80 -13.38 7.45
N ARG A 20 8.12 -13.22 6.32
CA ARG A 20 8.03 -14.28 5.33
C ARG A 20 8.08 -13.68 3.92
N PRO A 21 9.29 -13.45 3.38
CA PRO A 21 9.47 -12.87 2.05
C PRO A 21 9.06 -13.84 0.95
N SER A 22 7.76 -13.91 0.69
CA SER A 22 7.23 -14.79 -0.35
C SER A 22 5.77 -14.46 -0.65
N SER A 23 5.40 -14.53 -1.92
CA SER A 23 4.03 -14.23 -2.35
C SER A 23 3.80 -14.71 -3.77
N TRP A 24 2.58 -14.49 -4.27
CA TRP A 24 2.24 -14.90 -5.62
C TRP A 24 3.19 -14.29 -6.65
N ARG A 25 3.83 -13.19 -6.26
CA ARG A 25 4.77 -12.51 -7.15
C ARG A 25 6.10 -13.27 -7.22
N GLN A 26 6.57 -13.73 -6.07
CA GLN A 26 7.83 -14.46 -6.01
C GLN A 26 7.88 -15.38 -4.79
N GLU A 27 8.81 -16.33 -4.81
CA GLU A 27 8.96 -17.27 -3.70
C GLU A 27 9.98 -16.76 -2.68
N LYS A 28 11.01 -16.08 -3.19
CA LYS A 28 12.05 -15.53 -2.32
C LYS A 28 12.29 -14.06 -2.64
N ILE A 29 11.79 -13.18 -1.79
CA ILE A 29 11.96 -11.74 -1.98
C ILE A 29 13.30 -11.26 -1.43
N THR A 30 14.21 -10.91 -2.34
CA THR A 30 15.53 -10.44 -1.94
C THR A 30 15.65 -8.92 -2.07
N ARG A 31 14.50 -8.25 -2.06
CA ARG A 31 14.48 -6.79 -2.18
C ARG A 31 15.11 -6.14 -0.95
N THR A 32 16.22 -5.45 -1.17
CA THR A 32 16.93 -4.78 -0.08
C THR A 32 15.99 -3.83 0.68
N LYS A 33 16.37 -3.50 1.91
CA LYS A 33 15.57 -2.60 2.74
C LYS A 33 15.27 -1.29 2.01
N GLU A 34 16.31 -0.68 1.45
CA GLU A 34 16.16 0.59 0.73
C GLU A 34 15.33 0.41 -0.54
N GLU A 35 15.54 -0.72 -1.23
CA GLU A 35 14.82 -1.01 -2.45
C GLU A 35 13.31 -1.02 -2.22
N ALA A 36 12.89 -1.55 -1.07
CA ALA A 36 11.47 -1.62 -0.73
C ALA A 36 10.86 -0.23 -0.66
N LEU A 37 11.37 0.59 0.25
CA LEU A 37 10.87 1.95 0.44
C LEU A 37 11.08 2.79 -0.82
N GLU A 38 12.17 2.52 -1.53
CA GLU A 38 12.49 3.25 -2.76
C GLU A 38 11.35 3.14 -3.77
N LEU A 39 10.71 1.98 -3.82
CA LEU A 39 9.61 1.75 -4.75
C LEU A 39 8.33 2.41 -4.25
N ILE A 40 8.02 2.22 -2.98
CA ILE A 40 6.83 2.80 -2.38
C ILE A 40 6.81 4.32 -2.55
N ASN A 41 7.93 4.96 -2.24
CA ASN A 41 8.05 6.41 -2.37
C ASN A 41 8.00 6.81 -3.83
N GLY A 42 8.79 6.15 -4.65
CA GLY A 42 8.80 6.44 -6.08
C GLY A 42 7.41 6.35 -6.66
N TYR A 43 6.69 5.30 -6.25
CA TYR A 43 5.32 5.09 -6.72
C TYR A 43 4.45 6.30 -6.40
N ILE A 44 4.63 6.85 -5.20
CA ILE A 44 3.88 8.00 -4.76
C ILE A 44 4.05 9.18 -5.73
N GLN A 45 5.30 9.48 -6.07
CA GLN A 45 5.61 10.59 -6.97
C GLN A 45 4.98 10.39 -8.35
N LYS A 46 5.29 9.27 -8.99
CA LYS A 46 4.76 8.98 -10.33
C LYS A 46 3.26 9.27 -10.41
N ILE A 47 2.52 8.80 -9.41
CA ILE A 47 1.08 9.00 -9.35
C ILE A 47 0.71 10.48 -9.41
N LYS A 48 1.18 11.25 -8.44
CA LYS A 48 0.90 12.68 -8.40
C LYS A 48 1.53 13.39 -9.60
N SER A 49 2.47 12.72 -10.27
CA SER A 49 3.13 13.31 -11.43
C SER A 49 2.29 13.13 -12.69
N GLY A 50 1.39 12.14 -12.66
CA GLY A 50 0.55 11.86 -13.81
C GLY A 50 1.21 10.92 -14.78
N GLU A 51 2.35 10.35 -14.38
CA GLU A 51 3.09 9.43 -15.23
C GLU A 51 2.59 8.00 -15.03
N GLU A 52 2.39 7.60 -13.77
CA GLU A 52 1.92 6.26 -13.47
C GLU A 52 0.68 6.30 -12.59
N ASP A 53 0.03 5.15 -12.43
CA ASP A 53 -1.18 5.06 -11.61
C ASP A 53 -1.05 4.01 -10.52
N PHE A 54 -1.31 4.43 -9.29
CA PHE A 54 -1.23 3.54 -8.13
C PHE A 54 -1.96 2.23 -8.40
N GLU A 55 -3.08 2.32 -9.10
CA GLU A 55 -3.89 1.15 -9.44
C GLU A 55 -3.07 0.17 -10.27
N SER A 56 -2.61 0.62 -11.43
CA SER A 56 -1.82 -0.23 -12.32
C SER A 56 -0.49 -0.59 -11.68
N LEU A 57 0.13 0.39 -11.02
CA LEU A 57 1.40 0.14 -10.35
C LEU A 57 1.25 -0.97 -9.33
N ALA A 58 0.44 -0.71 -8.29
CA ALA A 58 0.18 -1.68 -7.23
C ALA A 58 0.09 -3.09 -7.78
N SER A 59 -0.78 -3.29 -8.75
CA SER A 59 -0.96 -4.60 -9.34
C SER A 59 0.39 -5.24 -9.70
N GLN A 60 1.16 -4.55 -10.54
CA GLN A 60 2.47 -5.05 -11.00
C GLN A 60 3.50 -5.11 -9.88
N PHE A 61 3.18 -4.55 -8.73
CA PHE A 61 4.11 -4.53 -7.61
C PHE A 61 3.43 -4.94 -6.30
N SER A 62 2.17 -5.34 -6.37
CA SER A 62 1.43 -5.72 -5.18
C SER A 62 1.81 -7.11 -4.71
N ASP A 63 2.67 -7.17 -3.70
CA ASP A 63 3.10 -8.45 -3.14
C ASP A 63 1.94 -9.09 -2.35
N CYS A 64 0.90 -8.30 -2.11
CA CYS A 64 -0.26 -8.77 -1.36
C CYS A 64 -1.37 -9.21 -2.32
N SER A 65 -2.36 -9.89 -1.77
CA SER A 65 -3.49 -10.37 -2.55
C SER A 65 -4.30 -9.21 -3.15
N SER A 66 -3.86 -7.97 -2.88
CA SER A 66 -4.55 -6.80 -3.39
C SER A 66 -4.59 -6.83 -4.91
N ALA A 67 -3.60 -7.50 -5.51
CA ALA A 67 -3.51 -7.62 -6.96
C ALA A 67 -4.87 -7.91 -7.58
N LYS A 68 -5.71 -8.67 -6.88
CA LYS A 68 -7.03 -9.00 -7.38
C LYS A 68 -7.79 -7.74 -7.77
N ALA A 69 -7.48 -6.64 -7.10
CA ALA A 69 -8.09 -5.36 -7.38
C ALA A 69 -7.03 -4.30 -7.64
N ARG A 70 -5.87 -4.73 -8.12
CA ARG A 70 -4.76 -3.84 -8.42
C ARG A 70 -4.53 -2.83 -7.30
N GLY A 71 -4.64 -3.30 -6.06
CA GLY A 71 -4.44 -2.43 -4.90
C GLY A 71 -5.74 -1.96 -4.29
N ASP A 72 -6.74 -1.72 -5.13
CA ASP A 72 -8.04 -1.26 -4.65
C ASP A 72 -8.58 -2.18 -3.55
N LEU A 73 -8.53 -1.71 -2.32
CA LEU A 73 -9.01 -2.49 -1.18
C LEU A 73 -10.49 -2.21 -0.91
N GLY A 74 -11.16 -1.56 -1.86
CA GLY A 74 -12.56 -1.25 -1.69
C GLY A 74 -12.84 -0.46 -0.44
N ALA A 75 -14.13 -0.33 -0.09
CA ALA A 75 -14.52 0.41 1.09
C ALA A 75 -14.50 -0.49 2.33
N PHE A 76 -13.71 -0.11 3.33
CA PHE A 76 -13.61 -0.88 4.55
C PHE A 76 -14.03 -0.05 5.76
N SER A 77 -14.02 -0.68 6.91
CA SER A 77 -14.38 -0.01 8.16
C SER A 77 -13.21 0.04 9.13
N ARG A 78 -12.93 1.21 9.66
CA ARG A 78 -11.82 1.40 10.60
C ARG A 78 -11.74 0.24 11.60
N GLY A 79 -10.52 -0.10 11.99
CA GLY A 79 -10.33 -1.19 12.94
C GLY A 79 -10.17 -2.55 12.26
N GLN A 80 -10.19 -2.55 10.92
CA GLN A 80 -10.06 -3.79 10.16
C GLN A 80 -8.64 -3.97 9.66
N MET A 81 -8.10 -2.92 9.02
CA MET A 81 -6.74 -2.96 8.50
C MET A 81 -5.73 -2.60 9.58
N GLN A 82 -4.45 -2.85 9.29
CA GLN A 82 -3.39 -2.55 10.25
C GLN A 82 -3.57 -1.16 10.87
N LYS A 83 -2.94 -0.95 12.02
CA LYS A 83 -3.06 0.32 12.74
C LYS A 83 -2.62 1.51 11.86
N PRO A 84 -1.34 1.55 11.45
CA PRO A 84 -0.83 2.65 10.62
C PRO A 84 -1.64 2.81 9.34
N PHE A 85 -2.25 1.72 8.90
CA PHE A 85 -3.07 1.74 7.70
C PHE A 85 -4.29 2.64 7.90
N GLU A 86 -5.14 2.24 8.84
CA GLU A 86 -6.35 2.99 9.15
C GLU A 86 -6.02 4.43 9.52
N ASP A 87 -5.08 4.62 10.45
CA ASP A 87 -4.70 5.97 10.87
C ASP A 87 -4.25 6.80 9.68
N ALA A 88 -3.29 6.28 8.91
CA ALA A 88 -2.79 6.99 7.75
C ALA A 88 -3.92 7.28 6.76
N SER A 89 -4.68 6.24 6.43
CA SER A 89 -5.80 6.37 5.50
C SER A 89 -6.83 7.36 6.03
N PHE A 90 -7.31 7.11 7.24
CA PHE A 90 -8.30 7.97 7.88
C PHE A 90 -7.74 9.35 8.20
N ALA A 91 -6.42 9.53 8.04
CA ALA A 91 -5.79 10.81 8.33
C ALA A 91 -5.55 11.62 7.07
N LEU A 92 -5.51 10.95 5.92
CA LEU A 92 -5.28 11.63 4.64
C LEU A 92 -6.60 12.09 4.02
N ARG A 93 -6.48 12.91 2.97
CA ARG A 93 -7.66 13.44 2.29
C ARG A 93 -7.98 12.64 1.03
N THR A 94 -9.03 13.05 0.33
CA THR A 94 -9.45 12.40 -0.91
C THR A 94 -8.35 12.45 -1.97
N GLY A 95 -8.08 11.31 -2.59
CA GLY A 95 -7.06 11.25 -3.62
C GLY A 95 -5.66 11.48 -3.10
N GLU A 96 -5.47 11.26 -1.80
CA GLU A 96 -4.15 11.44 -1.20
C GLU A 96 -3.46 10.10 -0.97
N MET A 97 -2.18 10.16 -0.61
CA MET A 97 -1.38 8.96 -0.37
C MET A 97 -0.73 9.01 1.01
N SER A 98 -0.67 7.86 1.66
CA SER A 98 -0.09 7.77 2.99
C SER A 98 1.41 7.48 2.91
N GLY A 99 2.12 7.75 3.99
CA GLY A 99 3.55 7.51 4.03
C GLY A 99 3.89 6.04 4.16
N PRO A 100 5.18 5.68 4.03
CA PRO A 100 5.63 4.28 4.13
C PRO A 100 5.19 3.64 5.44
N VAL A 101 4.43 2.55 5.33
CA VAL A 101 3.96 1.83 6.51
C VAL A 101 4.60 0.46 6.62
N PHE A 102 5.51 0.31 7.57
CA PHE A 102 6.20 -0.95 7.78
C PHE A 102 5.37 -1.91 8.62
N THR A 103 5.05 -3.05 8.05
CA THR A 103 4.25 -4.06 8.75
C THR A 103 4.91 -5.43 8.65
N ASP A 104 4.43 -6.37 9.46
CA ASP A 104 4.96 -7.73 9.49
C ASP A 104 5.32 -8.23 8.08
N SER A 105 4.49 -7.90 7.11
CA SER A 105 4.71 -8.31 5.73
C SER A 105 5.74 -7.41 5.04
N GLY A 106 5.59 -6.10 5.22
CA GLY A 106 6.52 -5.17 4.61
C GLY A 106 6.01 -3.75 4.62
N ILE A 107 6.43 -2.96 3.63
CA ILE A 107 6.00 -1.56 3.55
C ILE A 107 4.69 -1.43 2.77
N HIS A 108 3.77 -0.63 3.31
CA HIS A 108 2.47 -0.43 2.66
C HIS A 108 2.11 1.04 2.55
N ILE A 109 1.52 1.39 1.43
CA ILE A 109 1.05 2.74 1.18
C ILE A 109 -0.45 2.70 0.95
N ILE A 110 -1.15 3.79 1.22
CA ILE A 110 -2.59 3.83 1.04
C ILE A 110 -3.06 5.15 0.45
N LEU A 111 -4.20 5.09 -0.25
CA LEU A 111 -4.78 6.28 -0.85
C LEU A 111 -6.28 6.33 -0.62
N ARG A 112 -6.84 7.52 -0.75
CA ARG A 112 -8.28 7.70 -0.56
C ARG A 112 -9.00 7.73 -1.90
N THR A 113 -9.96 6.83 -2.08
CA THR A 113 -10.72 6.75 -3.33
C THR A 113 -12.06 7.44 -3.18
N GLU A 114 -12.74 7.18 -2.07
CA GLU A 114 -14.05 7.78 -1.80
C GLU A 114 -15.04 7.43 -2.91
S SO4 B . 2.90 -12.48 5.51
O1 SO4 B . 3.97 -13.49 5.44
O2 SO4 B . 1.86 -12.93 6.45
O3 SO4 B . 2.30 -12.31 4.16
O4 SO4 B . 3.46 -11.20 5.96
N GLY A 1 -19.62 15.29 11.16
CA GLY A 1 -19.72 13.81 11.21
C GLY A 1 -18.93 13.14 10.10
N GLU A 2 -18.15 12.13 10.46
CA GLU A 2 -17.33 11.40 9.49
C GLU A 2 -17.85 9.98 9.32
N PRO A 3 -17.76 9.43 8.10
CA PRO A 3 -18.21 8.06 7.81
C PRO A 3 -17.29 7.01 8.39
N ALA A 4 -17.86 5.89 8.80
CA ALA A 4 -17.09 4.79 9.38
C ALA A 4 -16.44 3.94 8.30
N ARG A 5 -16.64 4.31 7.04
CA ARG A 5 -16.07 3.56 5.92
C ARG A 5 -15.58 4.51 4.83
N VAL A 6 -14.46 4.16 4.19
CA VAL A 6 -13.89 4.99 3.14
C VAL A 6 -13.26 4.12 2.04
N ARG A 7 -12.90 4.77 0.93
CA ARG A 7 -12.29 4.07 -0.19
C ARG A 7 -10.78 4.40 -0.25
N CYS A 8 -9.96 3.36 -0.11
CA CYS A 8 -8.51 3.54 -0.15
C CYS A 8 -7.81 2.36 -0.83
N SER A 9 -6.66 2.64 -1.43
CA SER A 9 -5.87 1.62 -2.08
C SER A 9 -4.50 1.55 -1.44
N HIS A 10 -3.83 0.40 -1.53
CA HIS A 10 -2.52 0.26 -0.92
C HIS A 10 -1.60 -0.64 -1.73
N LEU A 11 -0.29 -0.47 -1.51
CA LEU A 11 0.71 -1.25 -2.21
C LEU A 11 1.73 -1.83 -1.22
N LEU A 12 1.70 -3.13 -1.02
CA LEU A 12 2.62 -3.80 -0.10
C LEU A 12 3.89 -4.24 -0.81
N VAL A 13 5.02 -4.07 -0.13
CA VAL A 13 6.31 -4.47 -0.68
C VAL A 13 7.19 -5.06 0.42
N LYS A 14 7.16 -6.39 0.54
CA LYS A 14 7.96 -7.07 1.56
C LYS A 14 9.43 -6.76 1.40
N HIS A 15 10.21 -7.05 2.43
CA HIS A 15 11.64 -6.79 2.40
C HIS A 15 12.41 -7.95 3.03
N SER A 16 13.72 -7.77 3.19
CA SER A 16 14.58 -8.81 3.75
C SER A 16 14.50 -8.89 5.28
N GLN A 17 13.60 -8.10 5.87
CA GLN A 17 13.45 -8.10 7.33
C GLN A 17 11.99 -8.30 7.75
N SER A 18 11.12 -8.53 6.77
CA SER A 18 9.70 -8.74 7.07
C SER A 18 9.49 -10.05 7.82
N ARG A 19 8.51 -10.08 8.71
CA ARG A 19 8.23 -11.28 9.48
C ARG A 19 7.91 -12.45 8.55
N ARG A 20 7.51 -12.14 7.32
CA ARG A 20 7.19 -13.17 6.34
C ARG A 20 7.52 -12.68 4.92
N PRO A 21 8.80 -12.82 4.52
CA PRO A 21 9.25 -12.39 3.20
C PRO A 21 8.73 -13.29 2.08
N SER A 22 7.45 -13.10 1.74
CA SER A 22 6.83 -13.88 0.69
C SER A 22 5.37 -13.47 0.48
N SER A 23 4.80 -13.89 -0.64
CA SER A 23 3.42 -13.55 -0.95
C SER A 23 2.88 -14.45 -2.05
N TRP A 24 1.62 -14.25 -2.40
CA TRP A 24 0.98 -15.03 -3.45
C TRP A 24 1.60 -14.77 -4.82
N ARG A 25 2.49 -13.78 -4.90
CA ARG A 25 3.14 -13.43 -6.16
C ARG A 25 4.58 -13.95 -6.22
N GLN A 26 5.17 -14.22 -5.05
CA GLN A 26 6.54 -14.72 -5.00
C GLN A 26 6.73 -15.74 -3.87
N GLU A 27 7.84 -16.46 -3.92
CA GLU A 27 8.15 -17.47 -2.91
C GLU A 27 8.91 -16.86 -1.73
N LYS A 28 10.00 -16.16 -2.02
CA LYS A 28 10.80 -15.54 -0.98
C LYS A 28 11.22 -14.13 -1.39
N ILE A 29 10.88 -13.14 -0.56
CA ILE A 29 11.22 -11.76 -0.85
C ILE A 29 12.59 -11.40 -0.27
N THR A 30 13.28 -10.48 -0.94
CA THR A 30 14.60 -10.05 -0.50
C THR A 30 14.86 -8.59 -0.89
N ARG A 31 13.91 -7.72 -0.56
CA ARG A 31 14.03 -6.30 -0.88
C ARG A 31 14.65 -5.54 0.29
N THR A 32 15.92 -5.17 0.15
CA THR A 32 16.64 -4.45 1.19
C THR A 32 15.91 -3.15 1.54
N LYS A 33 16.41 -2.45 2.55
CA LYS A 33 15.81 -1.19 2.98
C LYS A 33 15.75 -0.19 1.84
N GLU A 34 16.88 0.01 1.16
CA GLU A 34 16.95 0.94 0.04
C GLU A 34 16.09 0.47 -1.11
N GLU A 35 16.26 -0.79 -1.51
CA GLU A 35 15.48 -1.35 -2.61
C GLU A 35 13.99 -1.33 -2.30
N ALA A 36 13.64 -1.64 -1.05
CA ALA A 36 12.24 -1.67 -0.63
C ALA A 36 11.58 -0.30 -0.82
N LEU A 37 12.05 0.68 -0.06
CA LEU A 37 11.51 2.04 -0.14
C LEU A 37 11.66 2.59 -1.56
N GLU A 38 12.69 2.15 -2.26
CA GLU A 38 12.94 2.60 -3.62
C GLU A 38 11.72 2.31 -4.50
N LEU A 39 11.07 1.18 -4.24
CA LEU A 39 9.89 0.79 -4.99
C LEU A 39 8.68 1.59 -4.54
N ILE A 40 8.38 1.50 -3.24
CA ILE A 40 7.24 2.23 -2.67
C ILE A 40 7.35 3.73 -2.98
N ASN A 41 8.50 4.32 -2.69
CA ASN A 41 8.71 5.74 -2.93
C ASN A 41 8.46 6.08 -4.40
N GLY A 42 9.16 5.39 -5.29
CA GLY A 42 8.99 5.64 -6.71
C GLY A 42 7.55 5.53 -7.15
N TYR A 43 6.83 4.59 -6.55
CA TYR A 43 5.42 4.38 -6.87
C TYR A 43 4.58 5.58 -6.45
N ILE A 44 4.92 6.14 -5.29
CA ILE A 44 4.21 7.30 -4.76
C ILE A 44 4.28 8.47 -5.74
N GLN A 45 5.45 8.66 -6.34
CA GLN A 45 5.65 9.75 -7.30
C GLN A 45 4.77 9.58 -8.53
N LYS A 46 4.96 8.47 -9.24
CA LYS A 46 4.19 8.19 -10.46
C LYS A 46 2.69 8.41 -10.24
N ILE A 47 2.14 7.75 -9.22
CA ILE A 47 0.73 7.87 -8.91
C ILE A 47 0.36 9.32 -8.60
N LYS A 48 1.10 9.93 -7.69
CA LYS A 48 0.84 11.31 -7.29
C LYS A 48 1.08 12.26 -8.46
N SER A 49 1.86 11.82 -9.44
CA SER A 49 2.15 12.65 -10.61
C SER A 49 1.02 12.55 -11.64
N GLY A 50 0.25 11.47 -11.57
CA GLY A 50 -0.84 11.29 -12.51
C GLY A 50 -0.41 10.49 -13.73
N GLU A 51 0.83 10.00 -13.72
CA GLU A 51 1.36 9.22 -14.83
C GLU A 51 0.95 7.76 -14.69
N GLU A 52 1.16 7.20 -13.50
CA GLU A 52 0.82 5.81 -13.26
C GLU A 52 -0.12 5.70 -12.06
N ASP A 53 -1.41 5.58 -12.34
CA ASP A 53 -2.42 5.48 -11.28
C ASP A 53 -2.01 4.47 -10.21
N PHE A 54 -2.62 4.60 -9.04
CA PHE A 54 -2.33 3.72 -7.93
C PHE A 54 -2.73 2.30 -8.27
N GLU A 55 -3.95 2.13 -8.78
CA GLU A 55 -4.45 0.82 -9.17
C GLU A 55 -3.50 0.19 -10.19
N SER A 56 -3.05 1.00 -11.14
CA SER A 56 -2.13 0.53 -12.17
C SER A 56 -0.80 0.13 -11.55
N LEU A 57 -0.19 1.08 -10.83
CA LEU A 57 1.09 0.82 -10.19
C LEU A 57 0.98 -0.32 -9.18
N ALA A 58 0.19 -0.11 -8.12
CA ALA A 58 -0.01 -1.13 -7.09
C ALA A 58 -0.03 -2.52 -7.70
N SER A 59 -0.97 -2.74 -8.60
CA SER A 59 -1.10 -4.02 -9.26
C SER A 59 0.25 -4.58 -9.73
N GLN A 60 0.95 -3.82 -10.57
CA GLN A 60 2.23 -4.25 -11.13
C GLN A 60 3.33 -4.36 -10.07
N PHE A 61 3.06 -3.90 -8.87
CA PHE A 61 4.05 -3.96 -7.80
C PHE A 61 3.43 -4.36 -6.48
N SER A 62 2.15 -4.72 -6.49
CA SER A 62 1.46 -5.11 -5.27
C SER A 62 1.80 -6.55 -4.86
N ASP A 63 2.51 -6.70 -3.75
CA ASP A 63 2.85 -8.02 -3.25
C ASP A 63 1.78 -8.50 -2.27
N CYS A 64 0.88 -7.58 -1.90
CA CYS A 64 -0.20 -7.89 -0.99
C CYS A 64 -1.32 -8.63 -1.71
N SER A 65 -2.15 -9.33 -0.96
CA SER A 65 -3.26 -10.07 -1.56
C SER A 65 -4.19 -9.11 -2.32
N SER A 66 -4.10 -7.82 -1.97
CA SER A 66 -4.91 -6.81 -2.64
C SER A 66 -4.56 -6.74 -4.11
N ALA A 67 -3.30 -7.04 -4.43
CA ALA A 67 -2.81 -7.03 -5.81
C ALA A 67 -3.85 -7.61 -6.77
N LYS A 68 -4.62 -8.58 -6.29
CA LYS A 68 -5.66 -9.20 -7.09
C LYS A 68 -6.61 -8.12 -7.64
N ALA A 69 -6.94 -7.16 -6.78
CA ALA A 69 -7.80 -6.05 -7.16
C ALA A 69 -6.98 -4.81 -7.48
N ARG A 70 -5.69 -5.02 -7.74
CA ARG A 70 -4.77 -3.93 -8.07
C ARG A 70 -4.51 -3.02 -6.87
N GLY A 71 -4.61 -3.58 -5.66
CA GLY A 71 -4.37 -2.81 -4.45
C GLY A 71 -5.55 -1.97 -4.03
N ASP A 72 -6.57 -1.89 -4.89
CA ASP A 72 -7.76 -1.12 -4.59
C ASP A 72 -8.62 -1.82 -3.54
N LEU A 73 -8.50 -1.38 -2.28
CA LEU A 73 -9.26 -1.96 -1.19
C LEU A 73 -10.73 -1.56 -1.27
N GLY A 74 -11.04 -0.60 -2.16
CA GLY A 74 -12.40 -0.14 -2.31
C GLY A 74 -12.95 0.44 -1.02
N ALA A 75 -14.23 0.79 -1.02
CA ALA A 75 -14.86 1.36 0.16
C ALA A 75 -14.94 0.33 1.29
N PHE A 76 -14.12 0.52 2.31
CA PHE A 76 -14.10 -0.40 3.44
C PHE A 76 -14.43 0.32 4.74
N SER A 77 -14.44 -0.45 5.83
CA SER A 77 -14.74 0.10 7.14
C SER A 77 -13.54 -0.03 8.06
N ARG A 78 -13.45 0.89 9.03
CA ARG A 78 -12.34 0.89 9.98
C ARG A 78 -12.22 -0.44 10.70
N GLY A 79 -10.99 -0.95 10.81
CA GLY A 79 -10.78 -2.22 11.48
C GLY A 79 -10.50 -3.37 10.52
N GLN A 80 -10.35 -3.04 9.24
CA GLN A 80 -10.09 -4.05 8.22
C GLN A 80 -8.58 -4.33 8.09
N MET A 81 -7.81 -3.28 7.85
CA MET A 81 -6.37 -3.41 7.70
C MET A 81 -5.65 -3.16 9.02
N GLN A 82 -4.32 -3.27 9.00
CA GLN A 82 -3.51 -3.05 10.20
C GLN A 82 -3.89 -1.74 10.88
N LYS A 83 -3.56 -1.63 12.16
CA LYS A 83 -3.86 -0.42 12.93
C LYS A 83 -3.27 0.82 12.26
N PRO A 84 -1.94 0.89 12.13
CA PRO A 84 -1.27 2.03 11.49
C PRO A 84 -1.86 2.35 10.13
N PHE A 85 -2.37 1.31 9.46
CA PHE A 85 -2.98 1.48 8.15
C PHE A 85 -4.23 2.35 8.24
N GLU A 86 -5.23 1.83 8.95
CA GLU A 86 -6.49 2.54 9.13
C GLU A 86 -6.27 4.00 9.50
N ASP A 87 -5.35 4.24 10.43
CA ASP A 87 -5.05 5.60 10.87
C ASP A 87 -4.71 6.49 9.67
N ALA A 88 -3.69 6.10 8.93
CA ALA A 88 -3.27 6.85 7.75
C ALA A 88 -4.45 7.04 6.79
N SER A 89 -5.13 5.95 6.47
CA SER A 89 -6.28 5.99 5.56
C SER A 89 -7.32 6.98 6.09
N PHE A 90 -7.85 6.67 7.26
CA PHE A 90 -8.88 7.49 7.89
C PHE A 90 -8.36 8.87 8.27
N ALA A 91 -7.05 9.08 8.19
CA ALA A 91 -6.46 10.37 8.53
C ALA A 91 -6.03 11.15 7.30
N LEU A 92 -5.89 10.44 6.17
CA LEU A 92 -5.46 11.07 4.93
C LEU A 92 -6.62 11.83 4.28
N ARG A 93 -6.28 12.73 3.35
CA ARG A 93 -7.28 13.52 2.65
C ARG A 93 -7.59 12.92 1.28
N THR A 94 -8.62 13.45 0.63
CA THR A 94 -9.02 12.96 -0.69
C THR A 94 -7.89 13.13 -1.70
N GLY A 95 -7.55 12.04 -2.38
CA GLY A 95 -6.50 12.10 -3.37
C GLY A 95 -5.11 12.26 -2.76
N GLU A 96 -4.99 11.91 -1.49
CA GLU A 96 -3.71 12.02 -0.78
C GLU A 96 -3.09 10.64 -0.58
N MET A 97 -1.76 10.59 -0.55
CA MET A 97 -1.04 9.33 -0.37
C MET A 97 -0.31 9.32 0.97
N SER A 98 -0.27 8.15 1.59
CA SER A 98 0.41 7.99 2.87
C SER A 98 1.87 7.61 2.68
N GLY A 99 2.75 8.21 3.46
CA GLY A 99 4.17 7.91 3.36
C GLY A 99 4.46 6.44 3.60
N PRO A 100 5.71 6.00 3.37
CA PRO A 100 6.10 4.60 3.56
C PRO A 100 5.70 4.09 4.95
N VAL A 101 4.86 3.06 4.97
CA VAL A 101 4.39 2.48 6.22
C VAL A 101 5.03 1.12 6.46
N PHE A 102 5.90 1.04 7.46
CA PHE A 102 6.58 -0.20 7.79
C PHE A 102 5.74 -1.07 8.72
N THR A 103 5.32 -2.22 8.20
CA THR A 103 4.50 -3.15 8.98
C THR A 103 5.09 -4.56 8.90
N ASP A 104 4.51 -5.48 9.66
CA ASP A 104 4.97 -6.87 9.67
C ASP A 104 5.25 -7.38 8.27
N SER A 105 4.25 -7.30 7.40
CA SER A 105 4.39 -7.76 6.02
C SER A 105 5.52 -7.01 5.31
N GLY A 106 5.61 -5.71 5.56
CA GLY A 106 6.65 -4.90 4.93
C GLY A 106 6.25 -3.45 4.82
N ILE A 107 6.72 -2.79 3.75
CA ILE A 107 6.41 -1.38 3.53
C ILE A 107 5.10 -1.23 2.77
N HIS A 108 4.21 -0.39 3.28
CA HIS A 108 2.91 -0.19 2.63
C HIS A 108 2.66 1.28 2.30
N ILE A 109 1.99 1.49 1.17
CA ILE A 109 1.61 2.82 0.73
C ILE A 109 0.08 2.90 0.62
N ILE A 110 -0.51 3.98 1.10
CA ILE A 110 -1.96 4.13 1.05
C ILE A 110 -2.37 5.39 0.29
N LEU A 111 -3.61 5.41 -0.19
CA LEU A 111 -4.13 6.55 -0.94
C LEU A 111 -5.65 6.64 -0.78
N ARG A 112 -6.09 7.65 -0.03
CA ARG A 112 -7.52 7.85 0.20
C ARG A 112 -8.20 8.44 -1.03
N THR A 113 -9.14 7.69 -1.59
CA THR A 113 -9.87 8.14 -2.78
C THR A 113 -11.22 8.72 -2.39
N GLU A 114 -12.06 7.89 -1.77
CA GLU A 114 -13.39 8.32 -1.36
C GLU A 114 -14.20 8.82 -2.56
S SO4 B . 2.51 -11.61 5.67
O1 SO4 B . 2.68 -12.93 6.30
O2 SO4 B . 1.50 -10.84 6.40
O3 SO4 B . 2.08 -11.80 4.27
O4 SO4 B . 3.80 -10.89 5.68
N GLY A 1 -12.83 13.31 9.72
CA GLY A 1 -12.13 12.44 8.74
C GLY A 1 -13.07 11.49 8.03
N GLU A 2 -14.11 12.06 7.41
CA GLU A 2 -15.09 11.25 6.68
C GLU A 2 -15.78 10.26 7.63
N PRO A 3 -16.88 9.63 7.16
CA PRO A 3 -17.64 8.66 7.97
C PRO A 3 -16.75 7.54 8.50
N ALA A 4 -17.38 6.49 9.00
CA ALA A 4 -16.65 5.34 9.53
C ALA A 4 -16.27 4.35 8.43
N ARG A 5 -16.41 4.76 7.18
CA ARG A 5 -16.07 3.91 6.05
C ARG A 5 -15.51 4.73 4.89
N VAL A 6 -14.47 4.23 4.25
CA VAL A 6 -13.84 4.93 3.13
C VAL A 6 -13.19 3.95 2.17
N ARG A 7 -12.76 4.45 1.00
CA ARG A 7 -12.12 3.62 0.00
C ARG A 7 -10.64 3.98 -0.13
N CYS A 8 -9.79 2.96 -0.19
CA CYS A 8 -8.36 3.20 -0.30
C CYS A 8 -7.67 2.05 -1.04
N SER A 9 -6.57 2.38 -1.70
CA SER A 9 -5.78 1.39 -2.42
C SER A 9 -4.40 1.27 -1.77
N HIS A 10 -3.75 0.13 -1.95
CA HIS A 10 -2.44 -0.07 -1.34
C HIS A 10 -1.66 -1.19 -2.01
N LEU A 11 -0.33 -1.13 -1.90
CA LEU A 11 0.52 -2.17 -2.45
C LEU A 11 1.52 -2.65 -1.41
N LEU A 12 1.76 -3.95 -1.37
CA LEU A 12 2.69 -4.52 -0.41
C LEU A 12 4.04 -4.72 -1.08
N VAL A 13 5.10 -4.36 -0.37
CA VAL A 13 6.45 -4.52 -0.89
C VAL A 13 7.38 -4.99 0.22
N LYS A 14 7.44 -6.30 0.40
CA LYS A 14 8.29 -6.90 1.42
C LYS A 14 9.74 -6.49 1.23
N HIS A 15 10.61 -7.03 2.07
CA HIS A 15 12.02 -6.73 2.00
C HIS A 15 12.85 -7.98 2.31
N SER A 16 13.90 -7.86 3.12
CA SER A 16 14.75 -9.01 3.43
C SER A 16 14.27 -9.75 4.67
N GLN A 17 14.02 -9.02 5.74
CA GLN A 17 13.58 -9.61 7.00
C GLN A 17 12.06 -9.63 7.12
N SER A 18 11.37 -9.72 5.99
CA SER A 18 9.91 -9.75 6.00
C SER A 18 9.40 -11.04 6.64
N ARG A 19 8.26 -10.97 7.31
CA ARG A 19 7.69 -12.14 7.97
C ARG A 19 7.61 -13.32 6.99
N ARG A 20 7.50 -13.00 5.70
CA ARG A 20 7.43 -14.02 4.66
C ARG A 20 7.82 -13.43 3.31
N PRO A 21 9.12 -13.48 2.95
CA PRO A 21 9.60 -12.95 1.68
C PRO A 21 9.11 -13.76 0.49
N SER A 22 7.79 -13.79 0.30
CA SER A 22 7.18 -14.52 -0.79
C SER A 22 5.80 -13.97 -1.12
N SER A 23 5.34 -14.23 -2.33
CA SER A 23 4.03 -13.76 -2.77
C SER A 23 3.62 -14.40 -4.09
N TRP A 24 2.46 -14.05 -4.59
CA TRP A 24 1.96 -14.61 -5.83
C TRP A 24 2.91 -14.29 -7.00
N ARG A 25 3.79 -13.32 -6.80
CA ARG A 25 4.74 -12.93 -7.83
C ARG A 25 5.98 -13.82 -7.79
N GLN A 26 6.39 -14.21 -6.58
CA GLN A 26 7.57 -15.05 -6.40
C GLN A 26 7.67 -15.54 -4.96
N GLU A 27 8.80 -16.14 -4.61
CA GLU A 27 9.00 -16.65 -3.27
C GLU A 27 10.45 -16.46 -2.81
N LYS A 28 11.09 -15.43 -3.34
CA LYS A 28 12.48 -15.14 -2.98
C LYS A 28 12.73 -13.63 -2.94
N ILE A 29 12.05 -12.95 -2.03
CA ILE A 29 12.19 -11.51 -1.89
C ILE A 29 13.32 -11.15 -0.92
N THR A 30 14.40 -10.60 -1.45
CA THR A 30 15.54 -10.22 -0.63
C THR A 30 15.83 -8.73 -0.75
N ARG A 31 14.77 -7.93 -0.84
CA ARG A 31 14.91 -6.48 -0.95
C ARG A 31 15.27 -5.86 0.39
N THR A 32 16.29 -5.00 0.38
CA THR A 32 16.73 -4.34 1.60
C THR A 32 15.71 -3.28 2.01
N LYS A 33 15.65 -3.02 3.32
CA LYS A 33 14.71 -2.02 3.85
C LYS A 33 14.70 -0.76 3.00
N GLU A 34 15.88 -0.28 2.63
CA GLU A 34 16.00 0.92 1.81
C GLU A 34 15.45 0.67 0.41
N GLU A 35 15.74 -0.51 -0.13
CA GLU A 35 15.28 -0.89 -1.46
C GLU A 35 13.75 -0.85 -1.55
N ALA A 36 13.09 -1.44 -0.56
CA ALA A 36 11.64 -1.48 -0.52
C ALA A 36 11.06 -0.08 -0.35
N LEU A 37 11.74 0.75 0.43
CA LEU A 37 11.30 2.12 0.67
C LEU A 37 11.50 2.97 -0.58
N GLU A 38 12.53 2.66 -1.34
CA GLU A 38 12.84 3.40 -2.56
C GLU A 38 11.69 3.29 -3.56
N LEU A 39 11.36 2.07 -3.95
CA LEU A 39 10.28 1.82 -4.90
C LEU A 39 8.97 2.40 -4.39
N ILE A 40 8.61 2.05 -3.15
CA ILE A 40 7.37 2.55 -2.54
C ILE A 40 7.24 4.06 -2.74
N ASN A 41 8.30 4.79 -2.41
CA ASN A 41 8.30 6.24 -2.56
C ASN A 41 8.06 6.62 -4.02
N GLY A 42 8.81 6.00 -4.92
CA GLY A 42 8.65 6.28 -6.33
C GLY A 42 7.22 6.08 -6.77
N TYR A 43 6.58 5.04 -6.25
CA TYR A 43 5.19 4.75 -6.58
C TYR A 43 4.29 5.94 -6.23
N ILE A 44 4.57 6.54 -5.08
CA ILE A 44 3.79 7.69 -4.61
C ILE A 44 3.92 8.88 -5.57
N GLN A 45 5.15 9.20 -5.94
CA GLN A 45 5.40 10.34 -6.82
C GLN A 45 4.68 10.19 -8.16
N LYS A 46 4.86 9.04 -8.81
CA LYS A 46 4.23 8.78 -10.11
C LYS A 46 2.73 9.01 -10.05
N ILE A 47 2.08 8.48 -9.01
CA ILE A 47 0.64 8.63 -8.86
C ILE A 47 0.26 10.09 -8.65
N LYS A 48 0.95 10.75 -7.73
CA LYS A 48 0.69 12.15 -7.45
C LYS A 48 1.05 13.01 -8.66
N SER A 49 1.85 12.46 -9.58
CA SER A 49 2.26 13.18 -10.77
C SER A 49 1.19 13.07 -11.86
N GLY A 50 0.44 11.97 -11.84
CA GLY A 50 -0.60 11.75 -12.81
C GLY A 50 -0.11 10.90 -13.97
N GLU A 51 1.06 10.29 -13.83
CA GLU A 51 1.62 9.46 -14.88
C GLU A 51 1.27 7.98 -14.66
N GLU A 52 1.29 7.55 -13.39
CA GLU A 52 0.97 6.15 -13.08
C GLU A 52 -0.04 6.07 -11.95
N ASP A 53 -1.21 5.54 -12.25
CA ASP A 53 -2.28 5.42 -11.25
C ASP A 53 -1.93 4.39 -10.18
N PHE A 54 -2.42 4.63 -8.98
CA PHE A 54 -2.18 3.75 -7.85
C PHE A 54 -2.68 2.34 -8.15
N GLU A 55 -3.85 2.25 -8.79
CA GLU A 55 -4.43 0.98 -9.15
C GLU A 55 -3.49 0.21 -10.08
N SER A 56 -3.05 0.86 -11.14
CA SER A 56 -2.15 0.22 -12.09
C SER A 56 -0.81 -0.08 -11.43
N LEU A 57 -0.29 0.89 -10.69
CA LEU A 57 0.98 0.69 -10.00
C LEU A 57 0.87 -0.48 -9.02
N ALA A 58 0.03 -0.31 -7.99
CA ALA A 58 -0.18 -1.35 -6.97
C ALA A 58 -0.09 -2.73 -7.57
N SER A 59 -1.02 -3.05 -8.46
CA SER A 59 -1.04 -4.36 -9.10
C SER A 59 0.36 -4.79 -9.57
N GLN A 60 0.99 -3.95 -10.39
CA GLN A 60 2.31 -4.27 -10.96
C GLN A 60 3.41 -4.30 -9.91
N PHE A 61 3.12 -3.86 -8.70
CA PHE A 61 4.12 -3.86 -7.65
C PHE A 61 3.52 -4.35 -6.33
N SER A 62 2.26 -4.78 -6.37
CA SER A 62 1.58 -5.25 -5.17
C SER A 62 2.01 -6.67 -4.80
N ASP A 63 2.77 -6.79 -3.71
CA ASP A 63 3.19 -8.10 -3.23
C ASP A 63 2.16 -8.63 -2.24
N CYS A 64 0.94 -8.12 -2.36
CA CYS A 64 -0.16 -8.50 -1.49
C CYS A 64 -1.31 -9.06 -2.31
N SER A 65 -2.27 -9.68 -1.63
CA SER A 65 -3.43 -10.24 -2.29
C SER A 65 -4.30 -9.16 -2.92
N SER A 66 -3.92 -7.90 -2.71
CA SER A 66 -4.66 -6.77 -3.27
C SER A 66 -4.73 -6.86 -4.79
N ALA A 67 -3.72 -7.52 -5.38
CA ALA A 67 -3.65 -7.69 -6.83
C ALA A 67 -5.02 -8.01 -7.43
N LYS A 68 -5.88 -8.67 -6.66
CA LYS A 68 -7.21 -9.02 -7.15
C LYS A 68 -7.94 -7.78 -7.66
N ALA A 69 -7.58 -6.63 -7.08
CA ALA A 69 -8.17 -5.36 -7.48
C ALA A 69 -7.08 -4.31 -7.77
N ARG A 70 -5.83 -4.75 -7.79
CA ARG A 70 -4.71 -3.86 -8.04
C ARG A 70 -4.52 -2.86 -6.91
N GLY A 71 -4.58 -3.37 -5.68
CA GLY A 71 -4.42 -2.52 -4.51
C GLY A 71 -5.73 -2.00 -3.96
N ASP A 72 -6.68 -1.72 -4.86
CA ASP A 72 -7.98 -1.22 -4.44
C ASP A 72 -8.69 -2.20 -3.51
N LEU A 73 -8.84 -1.81 -2.25
CA LEU A 73 -9.49 -2.65 -1.26
C LEU A 73 -10.95 -2.23 -1.05
N GLY A 74 -11.50 -1.51 -2.02
CA GLY A 74 -12.88 -1.07 -1.92
C GLY A 74 -13.13 -0.26 -0.66
N ALA A 75 -14.40 -0.12 -0.30
CA ALA A 75 -14.78 0.63 0.89
C ALA A 75 -14.75 -0.25 2.14
N PHE A 76 -13.93 0.12 3.10
CA PHE A 76 -13.82 -0.64 4.34
C PHE A 76 -14.19 0.20 5.55
N SER A 77 -14.11 -0.41 6.72
CA SER A 77 -14.44 0.30 7.96
C SER A 77 -13.20 0.47 8.83
N ARG A 78 -13.02 1.68 9.35
CA ARG A 78 -11.86 1.99 10.19
C ARG A 78 -11.67 0.93 11.28
N GLY A 79 -10.77 -0.03 11.01
CA GLY A 79 -10.50 -1.07 11.98
C GLY A 79 -10.29 -2.44 11.34
N GLN A 80 -10.30 -2.49 10.02
CA GLN A 80 -10.11 -3.75 9.31
C GLN A 80 -8.63 -4.06 9.09
N MET A 81 -7.92 -3.13 8.46
CA MET A 81 -6.50 -3.31 8.18
C MET A 81 -5.65 -2.87 9.37
N GLN A 82 -4.34 -3.14 9.29
CA GLN A 82 -3.41 -2.76 10.36
C GLN A 82 -3.67 -1.34 10.84
N LYS A 83 -3.41 -1.09 12.12
CA LYS A 83 -3.63 0.22 12.72
C LYS A 83 -3.08 1.35 11.84
N PRO A 84 -1.75 1.39 11.62
CA PRO A 84 -1.11 2.42 10.81
C PRO A 84 -1.78 2.59 9.45
N PHE A 85 -2.40 1.52 8.97
CA PHE A 85 -3.09 1.56 7.69
C PHE A 85 -4.27 2.51 7.76
N GLU A 86 -5.22 2.18 8.62
CA GLU A 86 -6.42 2.97 8.81
C GLU A 86 -6.07 4.43 9.14
N ASP A 87 -5.23 4.64 10.15
CA ASP A 87 -4.84 5.99 10.55
C ASP A 87 -4.37 6.80 9.35
N ALA A 88 -3.35 6.31 8.67
CA ALA A 88 -2.80 6.99 7.50
C ALA A 88 -3.89 7.18 6.44
N SER A 89 -4.63 6.11 6.17
CA SER A 89 -5.70 6.16 5.18
C SER A 89 -6.73 7.20 5.56
N PHE A 90 -7.30 7.05 6.75
CA PHE A 90 -8.30 7.97 7.28
C PHE A 90 -7.71 9.34 7.58
N ALA A 91 -6.38 9.45 7.53
CA ALA A 91 -5.72 10.72 7.82
C ALA A 91 -5.41 11.49 6.54
N LEU A 92 -5.40 10.80 5.40
CA LEU A 92 -5.11 11.44 4.12
C LEU A 92 -6.36 12.07 3.52
N ARG A 93 -6.17 12.90 2.50
CA ARG A 93 -7.29 13.57 1.83
C ARG A 93 -7.67 12.84 0.55
N THR A 94 -8.74 13.31 -0.09
CA THR A 94 -9.22 12.70 -1.33
C THR A 94 -8.15 12.76 -2.42
N GLY A 95 -7.58 11.59 -2.74
CA GLY A 95 -6.56 11.53 -3.76
C GLY A 95 -5.16 11.74 -3.21
N GLU A 96 -4.96 11.38 -1.94
CA GLU A 96 -3.65 11.51 -1.31
C GLU A 96 -3.01 10.16 -1.07
N MET A 97 -1.74 10.17 -0.69
CA MET A 97 -1.01 8.93 -0.43
C MET A 97 -0.40 8.94 0.96
N SER A 98 -0.39 7.77 1.59
CA SER A 98 0.16 7.63 2.93
C SER A 98 1.64 7.27 2.88
N GLY A 99 2.39 7.70 3.90
CA GLY A 99 3.81 7.41 3.94
C GLY A 99 4.08 5.91 4.05
N PRO A 100 5.34 5.49 3.89
CA PRO A 100 5.70 4.08 3.98
C PRO A 100 5.21 3.44 5.27
N VAL A 101 4.50 2.32 5.14
CA VAL A 101 3.97 1.62 6.30
C VAL A 101 4.75 0.34 6.57
N PHE A 102 5.53 0.35 7.65
CA PHE A 102 6.33 -0.81 8.02
C PHE A 102 5.56 -1.75 8.95
N THR A 103 5.19 -2.91 8.42
CA THR A 103 4.45 -3.89 9.20
C THR A 103 5.10 -5.27 9.06
N ASP A 104 4.57 -6.25 9.79
CA ASP A 104 5.11 -7.61 9.75
C ASP A 104 5.37 -8.06 8.31
N SER A 105 4.47 -7.71 7.41
CA SER A 105 4.60 -8.08 6.00
C SER A 105 5.77 -7.36 5.35
N GLY A 106 5.87 -6.07 5.60
CA GLY A 106 6.96 -5.28 5.03
C GLY A 106 6.59 -3.81 4.90
N ILE A 107 6.72 -3.26 3.70
CA ILE A 107 6.39 -1.86 3.47
C ILE A 107 5.12 -1.74 2.63
N HIS A 108 4.14 -1.00 3.15
CA HIS A 108 2.87 -0.80 2.44
C HIS A 108 2.57 0.67 2.22
N ILE A 109 1.96 0.97 1.07
CA ILE A 109 1.56 2.32 0.74
C ILE A 109 0.05 2.37 0.51
N ILE A 110 -0.60 3.44 0.95
CA ILE A 110 -2.04 3.57 0.79
C ILE A 110 -2.43 4.89 0.11
N LEU A 111 -3.61 4.89 -0.50
CA LEU A 111 -4.12 6.06 -1.19
C LEU A 111 -5.63 6.16 -1.02
N ARG A 112 -6.10 7.33 -0.59
CA ARG A 112 -7.53 7.55 -0.40
C ARG A 112 -8.22 7.79 -1.74
N THR A 113 -9.13 6.89 -2.10
CA THR A 113 -9.85 7.00 -3.36
C THR A 113 -11.24 7.60 -3.15
N GLU A 114 -11.77 7.43 -1.93
CA GLU A 114 -13.09 7.95 -1.58
C GLU A 114 -14.19 7.06 -2.17
S SO4 B . 2.35 -11.42 4.41
O1 SO4 B . 2.19 -12.62 5.25
O2 SO4 B . 1.38 -10.39 4.82
O3 SO4 B . 2.14 -11.77 3.00
O4 SO4 B . 3.73 -10.89 4.58
#